data_2O7P
#
_entry.id   2O7P
#
_cell.length_a   173.000
_cell.length_b   173.000
_cell.length_c   77.800
_cell.angle_alpha   90.00
_cell.angle_beta   90.00
_cell.angle_gamma   120.00
#
_symmetry.space_group_name_H-M   'P 31 2 1'
#
loop_
_entity.id
_entity.type
_entity.pdbx_description
1 polymer 'Riboflavin biosynthesis protein ribD'
2 non-polymer 'NADP NICOTINAMIDE-ADENINE-DINUCLEOTIDE PHOSPHATE'
#
_entity_poly.entity_id   1
_entity_poly.type   'polypeptide(L)'
_entity_poly.pdbx_seq_one_letter_code
;TLYIQGQDEYY(MSE)ARALKLAQRGRFTTHPNPNVGCVIVKDGEIVGEGYHQRAGEPHAEVHALR(MSE)AGEKAKGAT
AYVTLEPCSHHGRTPPCCDALIAAGVARVVAS(MSE)QDPNPQVAGRGLYRLQQAGIDVSHGL(MSE)(MSE)SEAEQLN
KGFLKR(MSE)RTGFPYIQLKLGASLDGRTA(MSE)ASGESQWITSPQARRDVQLLRAQSHAILTSSATVLADDPALTVR
WSELDEQTQALYPQQNLRQPIRIVIDSQNRVTPVHRIVQQPGETWFARTQEDSREWPETVRTLLIPEHKGHLDLVVL
(MSE)(MSE)QLGKQQINSIWVEAGPTLAGALLQAGLVDELIVYIAPKLLGSDARGLCTLPGLEKLADAPQFKFKEIRHV
GPDVCLHLVGASTHHHHHH
;
_entity_poly.pdbx_strand_id   A,B
#
# COMPACT_ATOMS: atom_id res chain seq x y z
N THR A 1 10.04 16.88 37.77
CA THR A 1 8.94 17.14 36.81
C THR A 1 8.98 16.20 35.60
N LEU A 2 9.59 15.02 35.79
CA LEU A 2 9.70 13.99 34.74
C LEU A 2 8.64 12.89 34.96
N TYR A 3 8.42 12.54 36.23
CA TYR A 3 7.33 11.68 36.66
C TYR A 3 6.01 12.25 36.14
N ILE A 4 5.77 13.54 36.39
CA ILE A 4 4.51 14.16 35.98
C ILE A 4 4.42 14.28 34.46
N GLN A 5 5.57 14.45 33.82
CA GLN A 5 5.65 14.36 32.37
C GLN A 5 4.94 13.08 31.87
N GLY A 6 5.29 11.93 32.46
CA GLY A 6 4.66 10.64 32.12
C GLY A 6 3.26 10.53 32.68
N GLN A 7 3.11 11.00 33.91
CA GLN A 7 1.86 10.99 34.62
C GLN A 7 0.80 11.75 33.84
N ASP A 8 1.14 12.92 33.32
CA ASP A 8 0.20 13.71 32.53
C ASP A 8 0.03 13.08 31.17
N GLU A 9 1.10 12.50 30.63
CA GLU A 9 1.09 11.92 29.30
C GLU A 9 0.03 10.84 29.21
N TYR A 10 -0.23 10.18 30.35
CA TYR A 10 -1.16 9.06 30.47
C TYR A 10 -2.62 9.55 30.53
N TYR A 11 -2.96 10.38 31.52
CA TYR A 11 -4.33 10.91 31.61
C TYR A 11 -4.77 11.68 30.33
N ALA A 13 -3.74 11.01 27.36
CA ALA A 13 -3.97 10.01 26.33
C ALA A 13 -5.38 9.46 26.52
N ARG A 14 -5.78 9.26 27.77
CA ARG A 14 -7.11 8.75 28.08
C ARG A 14 -8.13 9.78 27.68
N ALA A 15 -7.83 11.05 27.93
CA ALA A 15 -8.83 12.06 27.67
C ALA A 15 -9.07 12.15 26.17
N LEU A 16 -8.06 11.83 25.38
CA LEU A 16 -8.25 11.80 23.93
C LEU A 16 -9.03 10.56 23.50
N LYS A 17 -8.81 9.43 24.15
CA LYS A 17 -9.43 8.20 23.72
C LYS A 17 -10.91 8.35 23.97
N LEU A 18 -11.26 9.06 25.03
CA LEU A 18 -12.64 9.32 25.40
C LEU A 18 -13.31 10.22 24.36
N ALA A 19 -12.61 11.29 23.97
CA ALA A 19 -13.11 12.20 22.97
C ALA A 19 -13.63 11.51 21.69
N GLN A 20 -13.03 10.37 21.31
CA GLN A 20 -13.37 9.78 20.04
C GLN A 20 -14.61 8.98 20.15
N ARG A 21 -15.04 8.68 21.35
CA ARG A 21 -16.24 7.89 21.44
C ARG A 21 -17.34 8.73 20.81
N GLY A 22 -17.11 10.03 20.66
CA GLY A 22 -18.17 10.89 20.17
C GLY A 22 -18.09 11.21 18.70
N ARG A 23 -17.21 10.51 17.99
CA ARG A 23 -16.81 10.98 16.67
C ARG A 23 -17.85 10.71 15.58
N PHE A 24 -18.80 9.86 15.89
CA PHE A 24 -19.83 9.48 14.95
C PHE A 24 -21.07 10.34 15.07
N THR A 25 -21.19 11.12 16.14
CA THR A 25 -22.51 11.71 16.43
C THR A 25 -22.47 13.11 16.91
N THR A 26 -21.32 13.74 16.81
CA THR A 26 -21.05 14.97 17.50
C THR A 26 -21.25 16.20 16.61
N HIS A 27 -21.12 16.03 15.29
CA HIS A 27 -21.24 17.14 14.31
C HIS A 27 -22.48 17.99 14.49
N PRO A 28 -22.38 19.31 14.25
CA PRO A 28 -21.19 20.08 13.85
C PRO A 28 -20.24 20.47 14.99
N ASN A 29 -20.38 19.87 16.18
CA ASN A 29 -19.57 20.25 17.35
C ASN A 29 -18.28 19.50 17.38
N PRO A 30 -17.20 20.08 17.91
CA PRO A 30 -15.97 19.27 18.00
C PRO A 30 -16.12 18.07 18.93
N ASN A 31 -15.19 17.13 18.84
CA ASN A 31 -15.05 16.14 19.89
C ASN A 31 -14.24 16.73 21.06
N VAL A 32 -14.60 16.37 22.28
CA VAL A 32 -13.89 16.88 23.42
C VAL A 32 -13.95 15.81 24.46
N GLY A 33 -12.80 15.52 25.07
CA GLY A 33 -12.73 14.59 26.20
C GLY A 33 -12.23 15.29 27.45
N CYS A 34 -12.64 14.79 28.61
CA CYS A 34 -12.24 15.37 29.85
C CYS A 34 -12.01 14.31 30.90
N VAL A 35 -10.88 14.37 31.59
CA VAL A 35 -10.53 13.42 32.64
C VAL A 35 -10.09 14.17 33.90
N ILE A 36 -10.66 13.87 35.05
CA ILE A 36 -10.37 14.65 36.26
C ILE A 36 -9.69 13.82 37.32
N VAL A 37 -8.42 14.12 37.62
CA VAL A 37 -7.68 13.27 38.55
C VAL A 37 -7.59 13.93 39.91
N LYS A 38 -7.79 13.13 40.96
CA LYS A 38 -7.56 13.55 42.35
C LYS A 38 -6.69 12.54 43.10
N ASP A 39 -5.58 13.02 43.66
CA ASP A 39 -4.63 12.15 44.34
C ASP A 39 -4.36 10.84 43.63
N GLY A 40 -4.13 10.94 42.33
CA GLY A 40 -3.72 9.80 41.53
C GLY A 40 -4.82 8.78 41.27
N GLU A 41 -6.07 9.24 41.30
CA GLU A 41 -7.18 8.42 40.84
C GLU A 41 -8.25 9.24 40.14
N ILE A 42 -8.82 8.65 39.10
CA ILE A 42 -9.75 9.34 38.23
C ILE A 42 -11.09 9.48 38.94
N VAL A 43 -11.44 10.71 39.27
CA VAL A 43 -12.69 10.94 39.99
C VAL A 43 -13.88 11.30 39.12
N GLY A 44 -13.63 11.69 37.88
CA GLY A 44 -14.71 11.98 36.94
C GLY A 44 -14.21 11.99 35.52
N GLU A 45 -15.02 11.46 34.61
CA GLU A 45 -14.65 11.36 33.20
C GLU A 45 -15.84 11.78 32.37
N GLY A 46 -15.62 12.26 31.15
CA GLY A 46 -16.72 12.66 30.29
C GLY A 46 -16.28 13.08 28.91
N TYR A 47 -17.22 13.09 27.96
CA TYR A 47 -16.94 13.47 26.58
C TYR A 47 -18.22 13.86 25.84
N HIS A 48 -18.10 14.58 24.74
CA HIS A 48 -19.25 15.05 23.96
C HIS A 48 -19.89 13.92 23.15
N GLN A 49 -21.19 13.64 23.34
CA GLN A 49 -21.92 12.64 22.53
C GLN A 49 -22.70 13.21 21.34
N ARG A 50 -23.76 13.95 21.65
CA ARG A 50 -24.71 14.52 20.67
C ARG A 50 -24.46 16.02 20.55
N ALA A 51 -25.09 16.66 19.57
CA ALA A 51 -24.89 18.11 19.40
C ALA A 51 -25.57 18.98 20.45
N GLY A 52 -26.80 18.65 20.83
CA GLY A 52 -27.54 19.48 21.82
C GLY A 52 -27.34 19.09 23.28
N GLU A 53 -26.34 18.23 23.51
CA GLU A 53 -26.03 17.61 24.80
C GLU A 53 -25.03 18.47 25.61
N PRO A 54 -24.97 18.29 26.96
CA PRO A 54 -24.06 19.15 27.73
C PRO A 54 -22.59 18.73 27.54
N HIS A 55 -21.69 19.69 27.69
CA HIS A 55 -20.28 19.46 27.39
C HIS A 55 -19.63 18.35 28.22
N ALA A 56 -18.52 17.83 27.70
CA ALA A 56 -17.74 16.81 28.38
C ALA A 56 -17.34 17.27 29.78
N GLU A 57 -16.63 18.39 29.84
CA GLU A 57 -16.20 19.02 31.10
C GLU A 57 -17.31 18.99 32.15
N VAL A 58 -18.56 19.11 31.72
CA VAL A 58 -19.67 19.13 32.68
C VAL A 58 -20.03 17.73 33.21
N HIS A 59 -20.07 16.72 32.34
CA HIS A 59 -20.32 15.35 32.82
C HIS A 59 -19.23 14.98 33.79
N ALA A 60 -17.99 15.29 33.42
CA ALA A 60 -16.84 14.98 34.25
C ALA A 60 -16.98 15.52 35.66
N LEU A 61 -17.47 16.75 35.79
CA LEU A 61 -17.59 17.42 37.09
C LEU A 61 -18.81 16.96 37.88
N ARG A 62 -19.89 16.63 37.17
CA ARG A 62 -21.14 16.15 37.76
C ARG A 62 -20.94 14.73 38.26
N ALA A 64 -17.60 13.75 39.27
CA ALA A 64 -16.56 13.90 40.28
C ALA A 64 -17.09 14.51 41.57
N GLY A 65 -18.11 15.34 41.46
CA GLY A 65 -18.68 16.03 42.62
C GLY A 65 -17.64 16.67 43.51
N GLU A 66 -17.92 16.71 44.81
CA GLU A 66 -17.06 17.36 45.81
C GLU A 66 -15.57 17.03 45.64
N LYS A 67 -15.29 15.86 45.05
CA LYS A 67 -13.93 15.39 44.86
C LYS A 67 -13.16 16.16 43.79
N ALA A 68 -13.84 17.07 43.09
CA ALA A 68 -13.18 17.90 42.09
C ALA A 68 -12.26 18.94 42.73
N LYS A 69 -12.58 19.31 43.97
CA LYS A 69 -11.87 20.34 44.75
C LYS A 69 -10.35 20.27 44.67
N GLY A 70 -9.80 19.17 45.13
CA GLY A 70 -8.36 19.04 45.19
C GLY A 70 -7.57 19.52 44.00
N ALA A 71 -7.73 18.86 42.86
CA ALA A 71 -6.74 18.99 41.81
C ALA A 71 -7.21 18.56 40.43
N THR A 72 -6.26 18.64 39.50
CA THR A 72 -6.26 18.34 38.04
C THR A 72 -7.42 17.92 37.11
N ALA A 73 -7.53 18.70 36.02
CA ALA A 73 -8.44 18.48 34.91
C ALA A 73 -7.63 18.43 33.64
N TYR A 74 -7.66 17.28 33.00
CA TYR A 74 -7.12 17.16 31.67
C TYR A 74 -8.27 17.32 30.68
N VAL A 75 -8.21 18.42 29.92
CA VAL A 75 -9.14 18.63 28.82
C VAL A 75 -8.47 18.61 27.48
N THR A 76 -9.28 18.22 26.51
CA THR A 76 -8.83 17.99 25.17
C THR A 76 -8.67 19.27 24.38
N LEU A 77 -9.46 20.29 24.71
CA LEU A 77 -9.49 21.55 23.97
C LEU A 77 -9.75 22.68 24.95
N GLU A 78 -9.02 23.79 24.87
CA GLU A 78 -9.16 24.89 25.87
C GLU A 78 -10.60 25.04 26.31
N PRO A 79 -10.87 24.96 27.60
CA PRO A 79 -12.27 25.06 28.06
C PRO A 79 -12.89 26.44 27.81
N CYS A 80 -13.75 26.51 26.77
CA CYS A 80 -14.57 27.70 26.35
C CYS A 80 -14.76 27.80 24.83
N PRO A 87 -22.11 29.44 28.59
CA PRO A 87 -22.77 28.48 29.49
C PRO A 87 -23.12 28.95 30.94
N PRO A 88 -22.16 29.51 31.74
CA PRO A 88 -20.72 29.79 31.57
C PRO A 88 -19.81 28.62 31.99
N CYS A 89 -19.17 27.97 31.01
CA CYS A 89 -18.41 26.74 31.22
C CYS A 89 -17.13 26.91 32.07
N CYS A 90 -16.55 28.11 32.06
CA CYS A 90 -15.39 28.41 32.91
C CYS A 90 -15.77 28.71 34.38
N ASP A 91 -16.97 29.22 34.59
CA ASP A 91 -17.53 29.35 35.93
C ASP A 91 -17.69 27.96 36.54
N ALA A 92 -18.28 27.05 35.77
CA ALA A 92 -18.45 25.65 36.17
C ALA A 92 -17.20 25.04 36.79
N LEU A 93 -16.08 25.19 36.08
CA LEU A 93 -14.80 24.66 36.51
C LEU A 93 -14.31 25.34 37.77
N ILE A 94 -14.49 26.66 37.85
CA ILE A 94 -14.12 27.37 39.06
C ILE A 94 -14.96 26.91 40.25
N ALA A 95 -16.27 26.77 40.03
CA ALA A 95 -17.23 26.40 41.08
C ALA A 95 -16.83 25.12 41.84
N ALA A 96 -16.53 24.07 41.07
CA ALA A 96 -16.10 22.76 41.60
C ALA A 96 -14.80 22.87 42.44
N GLY A 97 -13.87 23.71 41.98
CA GLY A 97 -12.76 24.18 42.80
C GLY A 97 -11.38 23.65 42.45
N VAL A 98 -11.18 23.25 41.19
CA VAL A 98 -9.96 22.51 40.78
C VAL A 98 -8.70 23.37 40.76
N ALA A 99 -7.62 22.91 41.40
CA ALA A 99 -6.29 23.44 41.13
C ALA A 99 -5.90 22.81 39.82
N ARG A 100 -5.06 23.49 39.05
CA ARG A 100 -4.51 22.92 37.79
C ARG A 100 -5.50 22.39 36.73
N VAL A 101 -5.36 22.88 35.49
CA VAL A 101 -5.93 22.22 34.32
C VAL A 101 -4.88 22.23 33.21
N VAL A 102 -4.82 21.11 32.48
CA VAL A 102 -3.81 20.85 31.48
C VAL A 102 -4.63 20.59 30.26
N ALA A 103 -4.56 21.49 29.27
CA ALA A 103 -5.43 21.41 28.06
C ALA A 103 -4.55 21.15 26.88
N SER A 104 -5.05 20.36 25.95
CA SER A 104 -4.20 19.91 24.84
C SER A 104 -3.90 21.01 23.82
N GLN A 106 -5.14 25.05 22.58
CA GLN A 106 -5.94 26.26 22.80
C GLN A 106 -6.89 26.49 21.65
N ASP A 107 -7.89 27.36 21.85
CA ASP A 107 -8.96 27.54 20.86
C ASP A 107 -8.46 27.92 19.46
N PRO A 108 -9.06 27.30 18.42
CA PRO A 108 -8.64 27.48 17.03
C PRO A 108 -8.75 28.95 16.55
N ASN A 109 -9.85 29.61 16.95
CA ASN A 109 -10.04 31.04 16.73
C ASN A 109 -10.36 31.77 18.03
N GLN A 111 -7.51 32.67 16.94
CA GLN A 111 -7.44 34.11 16.72
C GLN A 111 -7.31 34.91 18.05
N VAL A 112 -8.27 35.79 18.34
CA VAL A 112 -8.28 36.52 19.63
C VAL A 112 -8.90 35.68 20.77
N ALA A 113 -9.81 34.75 20.46
CA ALA A 113 -10.32 33.84 21.49
C ALA A 113 -9.30 32.74 21.77
N GLY A 114 -8.31 33.07 22.58
CA GLY A 114 -7.30 32.11 23.06
C GLY A 114 -7.05 32.42 24.53
N ARG A 115 -7.97 33.19 25.10
CA ARG A 115 -7.86 33.80 26.43
C ARG A 115 -8.43 32.95 27.56
N GLY A 116 -9.29 32.00 27.21
CA GLY A 116 -9.85 31.01 28.15
C GLY A 116 -8.95 30.58 29.32
N LEU A 117 -7.69 30.34 29.02
CA LEU A 117 -6.74 29.92 30.03
C LEU A 117 -6.39 31.04 31.02
N TYR A 118 -6.41 32.28 30.52
CA TYR A 118 -6.06 33.44 31.34
C TYR A 118 -7.13 33.62 32.42
N ARG A 119 -8.39 33.49 32.01
CA ARG A 119 -9.54 33.53 32.91
C ARG A 119 -9.34 32.56 34.08
N LEU A 120 -8.83 31.37 33.77
CA LEU A 120 -8.53 30.37 34.80
C LEU A 120 -7.34 30.79 35.62
N GLN A 121 -6.21 31.10 34.96
CA GLN A 121 -5.01 31.57 35.67
C GLN A 121 -5.37 32.59 36.76
N GLN A 122 -6.31 33.46 36.40
CA GLN A 122 -6.81 34.55 37.24
C GLN A 122 -7.41 34.07 38.56
N ALA A 123 -8.11 32.95 38.54
CA ALA A 123 -8.73 32.42 39.75
C ALA A 123 -7.80 31.46 40.53
N GLY A 124 -6.51 31.53 40.26
CA GLY A 124 -5.52 30.82 41.08
C GLY A 124 -5.06 29.50 40.49
N ILE A 125 -5.92 28.93 39.65
CA ILE A 125 -5.68 27.69 38.92
C ILE A 125 -4.35 27.75 38.17
N ASP A 126 -3.59 26.66 38.24
CA ASP A 126 -2.41 26.51 37.40
C ASP A 126 -2.82 25.90 36.05
N VAL A 127 -2.26 26.41 34.96
CA VAL A 127 -2.63 25.97 33.60
C VAL A 127 -1.43 25.69 32.72
N SER A 128 -1.72 25.05 31.60
CA SER A 128 -0.73 24.77 30.58
C SER A 128 -1.45 24.24 29.37
N HIS A 129 -0.89 24.51 28.19
CA HIS A 129 -1.44 24.00 26.95
C HIS A 129 -0.34 23.40 26.12
N GLY A 130 -0.71 22.67 25.08
CA GLY A 130 0.28 22.10 24.18
C GLY A 130 0.58 20.61 24.27
N LEU A 131 0.29 19.99 25.41
CA LEU A 131 0.60 18.57 25.63
C LEU A 131 -0.18 17.63 24.70
N SER A 134 -0.59 17.70 18.97
CA SER A 134 -0.65 17.09 17.66
C SER A 134 -1.81 16.09 17.48
N GLU A 135 -2.10 15.31 18.51
CA GLU A 135 -3.16 14.31 18.42
C GLU A 135 -4.57 14.93 18.52
N ALA A 136 -4.71 15.96 19.37
CA ALA A 136 -5.94 16.73 19.48
C ALA A 136 -6.30 17.31 18.13
N GLU A 137 -5.29 17.88 17.48
CA GLU A 137 -5.38 18.33 16.12
C GLU A 137 -5.98 17.22 15.21
N GLN A 138 -5.46 16.00 15.28
CA GLN A 138 -5.94 14.93 14.42
C GLN A 138 -7.40 14.55 14.68
N LEU A 139 -7.87 14.81 15.89
CA LEU A 139 -9.17 14.36 16.36
C LEU A 139 -10.32 15.19 15.79
N ASN A 140 -10.01 16.36 15.24
CA ASN A 140 -11.00 17.28 14.77
C ASN A 140 -10.55 17.91 13.47
N LYS A 141 -9.95 17.13 12.56
CA LYS A 141 -9.42 17.68 11.30
C LYS A 141 -10.41 18.62 10.63
N GLY A 142 -11.64 18.14 10.44
CA GLY A 142 -12.70 18.93 9.82
C GLY A 142 -13.06 20.23 10.53
N PHE A 143 -13.69 20.12 11.69
CA PHE A 143 -14.10 21.29 12.47
C PHE A 143 -12.96 22.28 12.67
N LEU A 144 -11.72 21.78 12.84
CA LEU A 144 -10.56 22.69 12.93
C LEU A 144 -10.34 23.52 11.65
N LYS A 145 -10.44 22.88 10.50
CA LYS A 145 -10.27 23.56 9.23
C LYS A 145 -11.40 24.52 8.95
N ARG A 146 -12.65 24.06 9.17
CA ARG A 146 -13.79 24.95 9.01
C ARG A 146 -13.58 26.25 9.75
N ARG A 148 -10.67 27.61 10.85
CA ARG A 148 -9.53 28.43 10.41
C ARG A 148 -9.79 29.03 9.03
N THR A 149 -10.23 28.20 8.09
CA THR A 149 -10.52 28.63 6.71
C THR A 149 -12.02 28.67 6.52
N GLY A 150 -12.50 29.23 5.42
CA GLY A 150 -13.93 29.07 5.20
C GLY A 150 -14.49 27.64 5.26
N PHE A 151 -13.72 26.65 4.80
CA PHE A 151 -14.22 25.41 4.18
C PHE A 151 -14.24 24.15 5.06
N PRO A 152 -14.97 23.10 4.64
CA PRO A 152 -14.87 21.82 5.32
C PRO A 152 -13.74 20.95 4.77
N TYR A 153 -13.36 19.91 5.53
CA TYR A 153 -12.31 18.98 5.13
C TYR A 153 -12.94 17.97 4.15
N ILE A 154 -12.48 17.96 2.90
CA ILE A 154 -13.02 17.05 1.92
C ILE A 154 -12.20 15.81 1.74
N GLN A 155 -12.84 14.67 1.93
CA GLN A 155 -12.21 13.38 1.70
C GLN A 155 -12.73 12.80 0.41
N LEU A 156 -11.83 12.38 -0.46
CA LEU A 156 -12.24 11.90 -1.77
C LEU A 156 -11.86 10.44 -1.92
N LYS A 157 -12.86 9.59 -2.00
CA LYS A 157 -12.58 8.17 -1.98
C LYS A 157 -12.59 7.67 -3.41
N LEU A 158 -11.53 6.99 -3.83
CA LEU A 158 -11.49 6.35 -5.14
C LEU A 158 -11.32 4.86 -4.98
N GLY A 159 -12.09 4.08 -5.72
CA GLY A 159 -11.80 2.63 -5.84
C GLY A 159 -11.26 2.24 -7.22
N ALA A 160 -10.21 1.44 -7.25
CA ALA A 160 -9.57 1.06 -8.51
C ALA A 160 -9.20 -0.39 -8.57
N SER A 161 -9.07 -0.92 -9.78
CA SER A 161 -8.49 -2.24 -9.98
C SER A 161 -7.03 -2.04 -10.26
N LEU A 162 -6.25 -3.11 -10.28
CA LEU A 162 -4.84 -3.03 -10.57
C LEU A 162 -4.50 -2.24 -11.81
N ASP A 163 -5.25 -2.50 -12.87
CA ASP A 163 -5.02 -1.84 -14.14
C ASP A 163 -5.61 -0.42 -14.18
N GLY A 164 -6.07 0.07 -13.04
CA GLY A 164 -6.43 1.48 -12.92
C GLY A 164 -7.85 1.86 -13.24
N ARG A 165 -8.73 0.88 -13.47
CA ARG A 165 -10.12 1.13 -13.87
C ARG A 165 -11.12 0.96 -12.75
N THR A 166 -12.35 1.40 -12.99
CA THR A 166 -13.41 1.42 -11.98
C THR A 166 -14.84 1.20 -12.54
N ALA A 167 -15.57 0.26 -11.96
CA ALA A 167 -17.05 0.27 -11.94
C ALA A 167 -17.89 0.62 -13.18
N ALA A 169 -21.83 2.42 -13.93
CA ALA A 169 -23.26 2.01 -13.97
C ALA A 169 -23.64 0.65 -13.36
N SER A 170 -22.99 0.28 -12.25
CA SER A 170 -23.10 -1.07 -11.73
C SER A 170 -23.91 -1.25 -10.43
N GLY A 171 -24.30 -0.15 -9.79
CA GLY A 171 -24.99 -0.19 -8.50
C GLY A 171 -24.05 0.01 -7.30
N GLU A 172 -24.48 0.85 -6.35
CA GLU A 172 -23.70 1.21 -5.15
C GLU A 172 -23.00 -0.01 -4.57
N SER A 173 -23.74 -1.11 -4.46
CA SER A 173 -23.26 -2.37 -3.89
C SER A 173 -21.94 -2.83 -4.52
N GLN A 174 -21.72 -2.49 -5.78
CA GLN A 174 -20.53 -2.90 -6.48
C GLN A 174 -19.47 -1.79 -6.58
N TRP A 175 -19.71 -0.65 -5.93
CA TRP A 175 -18.66 0.37 -5.77
C TRP A 175 -17.41 -0.34 -5.25
N ILE A 176 -17.61 -1.13 -4.20
CA ILE A 176 -16.52 -1.72 -3.46
C ILE A 176 -16.79 -3.21 -3.33
N THR A 177 -15.83 -4.00 -3.83
CA THR A 177 -16.00 -5.43 -3.99
C THR A 177 -16.01 -6.16 -2.65
N SER A 178 -14.86 -6.23 -2.00
CA SER A 178 -14.70 -7.11 -0.86
C SER A 178 -15.47 -6.65 0.40
N PRO A 179 -16.05 -7.61 1.13
CA PRO A 179 -16.71 -7.42 2.41
C PRO A 179 -15.96 -6.48 3.32
N GLN A 180 -14.64 -6.68 3.44
CA GLN A 180 -13.82 -5.94 4.42
C GLN A 180 -13.65 -4.50 3.98
N ALA A 181 -13.51 -4.32 2.69
CA ALA A 181 -13.42 -3.00 2.14
C ALA A 181 -14.77 -2.31 2.33
N ARG A 182 -15.87 -2.96 1.94
CA ARG A 182 -17.20 -2.40 2.12
C ARG A 182 -17.38 -1.94 3.55
N ARG A 183 -16.95 -2.81 4.45
CA ARG A 183 -17.04 -2.55 5.87
C ARG A 183 -16.22 -1.33 6.33
N ASP A 184 -15.05 -1.11 5.70
CA ASP A 184 -14.21 0.04 6.03
C ASP A 184 -14.84 1.32 5.57
N VAL A 185 -15.38 1.31 4.35
CA VAL A 185 -16.03 2.48 3.79
C VAL A 185 -17.20 2.88 4.65
N GLN A 186 -17.92 1.91 5.20
CA GLN A 186 -19.06 2.26 6.04
C GLN A 186 -18.54 3.00 7.25
N LEU A 187 -17.50 2.46 7.86
CA LEU A 187 -16.86 3.10 8.98
C LEU A 187 -16.43 4.54 8.68
N LEU A 188 -15.86 4.81 7.51
CA LEU A 188 -15.45 6.15 7.23
C LEU A 188 -16.63 7.04 6.97
N ARG A 189 -17.65 6.54 6.26
CA ARG A 189 -18.83 7.34 5.97
C ARG A 189 -19.44 7.79 7.29
N ALA A 190 -19.44 6.84 8.24
CA ALA A 190 -20.12 7.01 9.52
C ALA A 190 -19.57 8.09 10.41
N GLN A 191 -18.33 8.52 10.16
CA GLN A 191 -17.74 9.66 10.87
C GLN A 191 -17.83 10.98 10.12
N SER A 192 -18.37 11.01 8.91
CA SER A 192 -18.33 12.28 8.20
C SER A 192 -19.59 13.04 8.49
N HIS A 193 -19.51 14.34 8.41
CA HIS A 193 -20.68 15.16 8.55
C HIS A 193 -21.58 14.92 7.35
N ALA A 194 -21.08 15.17 6.15
CA ALA A 194 -21.87 15.03 4.94
C ALA A 194 -21.27 14.01 4.01
N ILE A 195 -22.10 13.45 3.12
CA ILE A 195 -21.59 12.67 1.98
C ILE A 195 -21.97 13.40 0.70
N LEU A 196 -21.03 13.57 -0.20
CA LEU A 196 -21.30 14.36 -1.40
C LEU A 196 -21.30 13.47 -2.62
N THR A 197 -22.17 13.78 -3.56
CA THR A 197 -22.21 13.00 -4.77
C THR A 197 -22.81 13.74 -5.93
N SER A 198 -22.49 13.31 -7.13
CA SER A 198 -22.98 13.97 -8.32
C SER A 198 -24.35 13.48 -8.69
N SER A 199 -24.94 14.18 -9.66
CA SER A 199 -26.26 13.80 -10.17
C SER A 199 -26.15 12.66 -11.16
N ALA A 200 -25.06 12.64 -11.92
CA ALA A 200 -24.76 11.52 -12.79
C ALA A 200 -24.79 10.19 -12.03
N THR A 201 -24.17 10.14 -10.85
CA THR A 201 -24.11 8.93 -10.06
C THR A 201 -25.48 8.51 -9.53
N VAL A 202 -26.28 9.48 -9.13
CA VAL A 202 -27.58 9.17 -8.57
C VAL A 202 -28.42 8.56 -9.68
N LEU A 203 -28.46 9.26 -10.82
CA LEU A 203 -29.16 8.82 -12.03
C LEU A 203 -28.87 7.40 -12.45
N ALA A 204 -27.58 7.07 -12.56
CA ALA A 204 -27.09 5.77 -13.06
C ALA A 204 -27.13 4.61 -12.05
N ASP A 205 -27.16 4.92 -10.76
CA ASP A 205 -26.99 3.87 -9.78
C ASP A 205 -28.10 3.70 -8.79
N ASP A 206 -29.02 4.65 -8.78
CA ASP A 206 -30.07 4.83 -7.76
C ASP A 206 -29.67 4.50 -6.30
N PRO A 207 -28.55 5.08 -5.81
CA PRO A 207 -28.01 4.68 -4.51
C PRO A 207 -28.83 5.23 -3.37
N ALA A 208 -28.59 4.72 -2.16
CA ALA A 208 -29.19 5.27 -0.95
C ALA A 208 -28.17 6.20 -0.25
N LEU A 209 -26.89 5.91 -0.42
CA LEU A 209 -25.81 6.65 0.25
C LEU A 209 -26.06 6.89 1.74
N THR A 210 -26.49 5.84 2.44
CA THR A 210 -26.63 5.90 3.89
C THR A 210 -25.58 5.03 4.59
N VAL A 211 -25.40 5.20 5.89
CA VAL A 211 -24.58 4.30 6.69
C VAL A 211 -25.49 3.19 7.19
N ARG A 212 -25.18 1.95 6.83
CA ARG A 212 -25.92 0.76 7.29
C ARG A 212 -25.29 0.31 8.61
N TRP A 213 -26.04 0.41 9.71
CA TRP A 213 -25.45 0.17 11.05
C TRP A 213 -24.96 -1.28 11.28
N SER A 214 -25.62 -2.23 10.65
CA SER A 214 -25.23 -3.63 10.76
C SER A 214 -23.85 -3.83 10.21
N GLU A 215 -23.46 -3.08 9.18
CA GLU A 215 -22.17 -3.29 8.52
C GLU A 215 -20.98 -2.73 9.30
N LEU A 216 -21.13 -2.53 10.59
CA LEU A 216 -20.05 -1.97 11.40
C LEU A 216 -19.36 -3.02 12.29
N ASP A 217 -18.08 -2.79 12.60
CA ASP A 217 -17.25 -3.73 13.37
C ASP A 217 -17.61 -3.61 14.84
N GLU A 218 -16.60 -3.46 15.70
CA GLU A 218 -16.84 -3.28 17.15
C GLU A 218 -16.75 -1.88 17.73
N GLN A 219 -17.17 -0.97 16.86
CA GLN A 219 -17.70 0.34 17.15
C GLN A 219 -19.18 0.18 17.49
N THR A 220 -19.82 -0.84 16.91
CA THR A 220 -21.20 -1.27 17.24
C THR A 220 -21.43 -1.16 18.75
N GLN A 221 -20.46 -1.61 19.54
CA GLN A 221 -20.52 -1.45 20.99
C GLN A 221 -20.03 -0.08 21.43
N ALA A 222 -18.84 0.33 20.94
CA ALA A 222 -18.11 1.59 21.35
C ALA A 222 -19.06 2.69 21.85
N LEU A 223 -19.29 3.71 21.02
CA LEU A 223 -20.60 4.35 21.13
C LEU A 223 -21.45 3.60 20.12
N TYR A 224 -22.22 4.36 19.37
CA TYR A 224 -23.10 3.82 18.37
C TYR A 224 -24.00 2.64 18.76
N PRO A 225 -24.76 2.82 19.86
CA PRO A 225 -26.01 2.08 19.97
C PRO A 225 -26.83 2.34 18.70
N GLN A 226 -27.35 1.28 18.11
CA GLN A 226 -28.17 1.35 16.91
C GLN A 226 -29.19 2.53 16.87
N GLN A 227 -29.70 2.99 18.01
CA GLN A 227 -30.70 4.07 17.98
C GLN A 227 -30.07 5.47 17.94
N ASN A 228 -28.80 5.56 18.30
CA ASN A 228 -28.09 6.83 18.18
C ASN A 228 -27.69 7.14 16.75
N LEU A 229 -27.99 6.18 15.87
CA LEU A 229 -27.51 6.21 14.52
C LEU A 229 -27.82 7.54 13.85
N ARG A 230 -26.77 8.20 13.40
CA ARG A 230 -26.91 9.50 12.78
C ARG A 230 -26.47 9.39 11.33
N GLN A 231 -27.40 9.63 10.44
CA GLN A 231 -27.20 9.46 9.04
C GLN A 231 -26.51 10.70 8.48
N PRO A 232 -25.32 10.59 7.87
CA PRO A 232 -24.62 11.74 7.31
C PRO A 232 -25.48 12.53 6.34
N ILE A 233 -25.27 13.84 6.24
CA ILE A 233 -26.10 14.71 5.40
C ILE A 233 -25.78 14.46 3.95
N ARG A 234 -26.78 14.11 3.13
CA ARG A 234 -26.48 13.77 1.74
C ARG A 234 -26.47 15.04 0.87
N ILE A 235 -25.31 15.39 0.31
CA ILE A 235 -25.32 16.52 -0.58
C ILE A 235 -25.17 15.97 -2.01
N VAL A 236 -26.10 16.30 -2.86
CA VAL A 236 -26.03 15.89 -4.24
C VAL A 236 -25.89 17.12 -5.18
N ILE A 237 -24.89 17.13 -6.06
CA ILE A 237 -24.76 18.24 -7.03
C ILE A 237 -25.63 18.02 -8.29
N ASP A 238 -26.41 19.02 -8.72
CA ASP A 238 -26.85 19.07 -10.14
C ASP A 238 -27.48 20.38 -10.62
N SER A 239 -26.74 21.05 -11.52
CA SER A 239 -27.15 22.27 -12.20
C SER A 239 -28.47 22.13 -12.92
N GLN A 240 -28.63 20.97 -13.57
CA GLN A 240 -29.68 20.73 -14.55
C GLN A 240 -30.98 20.20 -13.97
N ASN A 241 -31.08 20.14 -12.65
CA ASN A 241 -32.24 19.62 -11.95
C ASN A 241 -32.78 18.35 -12.57
N ARG A 242 -31.90 17.36 -12.77
CA ARG A 242 -32.26 16.08 -13.38
C ARG A 242 -32.82 15.01 -12.39
N VAL A 243 -32.39 15.04 -11.12
CA VAL A 243 -32.85 14.03 -10.16
C VAL A 243 -34.32 14.27 -9.80
N THR A 244 -35.01 13.21 -9.41
CA THR A 244 -36.45 13.25 -9.18
C THR A 244 -36.87 12.86 -7.75
N PRO A 245 -38.06 13.30 -7.30
CA PRO A 245 -38.57 13.04 -5.97
C PRO A 245 -38.73 11.56 -5.64
N VAL A 246 -38.66 10.70 -6.66
CA VAL A 246 -38.89 9.28 -6.47
C VAL A 246 -37.57 8.48 -6.34
N HIS A 247 -36.44 9.14 -6.54
CA HIS A 247 -35.14 8.47 -6.44
C HIS A 247 -34.85 8.02 -5.02
N ARG A 248 -34.13 6.91 -4.86
CA ARG A 248 -34.00 6.27 -3.56
C ARG A 248 -33.39 7.26 -2.59
N ILE A 249 -32.47 8.09 -3.10
CA ILE A 249 -31.69 8.97 -2.26
C ILE A 249 -32.50 9.98 -1.46
N VAL A 250 -33.75 10.27 -1.83
CA VAL A 250 -34.46 11.23 -1.02
C VAL A 250 -35.46 10.58 -0.08
N GLN A 251 -35.50 9.25 -0.10
CA GLN A 251 -36.49 8.54 0.69
C GLN A 251 -35.91 7.99 1.97
N GLN A 252 -34.61 8.21 2.15
CA GLN A 252 -33.92 7.68 3.29
C GLN A 252 -34.17 8.59 4.47
N PRO A 253 -34.10 8.04 5.70
CA PRO A 253 -34.10 8.93 6.86
C PRO A 253 -32.89 9.86 6.77
N GLY A 254 -33.00 11.09 7.23
CA GLY A 254 -31.88 12.02 7.15
C GLY A 254 -32.11 13.07 6.06
N GLU A 255 -31.47 14.23 6.23
CA GLU A 255 -31.61 15.33 5.31
C GLU A 255 -30.92 15.01 4.01
N THR A 256 -31.43 15.56 2.93
CA THR A 256 -30.71 15.53 1.66
C THR A 256 -30.73 16.95 1.05
N TRP A 257 -29.57 17.40 0.59
CA TRP A 257 -29.43 18.77 0.11
C TRP A 257 -29.06 18.85 -1.37
N PHE A 258 -29.80 19.63 -2.15
CA PHE A 258 -29.41 19.75 -3.56
C PHE A 258 -28.66 21.04 -3.83
N ALA A 259 -27.49 20.93 -4.43
CA ALA A 259 -26.82 22.11 -4.89
C ALA A 259 -27.37 22.45 -6.29
N ARG A 260 -28.06 23.57 -6.40
CA ARG A 260 -28.72 23.87 -7.66
C ARG A 260 -28.22 25.18 -8.23
N THR A 261 -28.37 25.30 -9.54
CA THR A 261 -27.98 26.48 -10.25
C THR A 261 -29.22 27.37 -10.39
N GLN A 262 -30.42 26.77 -10.31
CA GLN A 262 -31.72 27.50 -10.27
C GLN A 262 -32.93 26.70 -9.70
N GLU A 263 -33.74 27.35 -8.88
CA GLU A 263 -34.84 26.70 -8.18
C GLU A 263 -35.65 25.73 -9.04
N ASP A 264 -35.69 24.46 -8.63
CA ASP A 264 -36.56 23.40 -9.21
C ASP A 264 -37.94 23.48 -8.54
N SER A 265 -39.03 23.38 -9.32
CA SER A 265 -40.37 23.69 -8.83
C SER A 265 -41.24 22.56 -8.20
N ARG A 266 -41.07 21.31 -8.65
CA ARG A 266 -41.66 20.13 -7.99
C ARG A 266 -41.70 20.09 -6.46
N GLU A 267 -42.76 19.43 -5.94
CA GLU A 267 -42.85 18.99 -4.53
C GLU A 267 -41.80 17.95 -4.05
N TRP A 268 -40.99 18.31 -3.04
CA TRP A 268 -40.07 17.37 -2.42
C TRP A 268 -40.54 17.15 -1.02
N PRO A 269 -40.06 16.09 -0.36
CA PRO A 269 -40.50 15.90 1.01
C PRO A 269 -39.94 16.97 1.95
N GLU A 270 -40.41 17.00 3.21
CA GLU A 270 -39.90 18.00 4.14
C GLU A 270 -38.37 17.92 4.47
N THR A 271 -37.70 16.82 4.15
CA THR A 271 -36.33 16.71 4.62
C THR A 271 -35.33 17.07 3.51
N VAL A 272 -35.87 17.62 2.41
CA VAL A 272 -35.04 18.04 1.26
C VAL A 272 -34.91 19.57 1.22
N ARG A 273 -33.67 20.06 1.16
CA ARG A 273 -33.38 21.48 1.01
C ARG A 273 -32.63 21.71 -0.27
N THR A 274 -32.75 22.91 -0.78
CA THR A 274 -31.88 23.28 -1.86
C THR A 274 -30.98 24.49 -1.57
N LEU A 275 -29.76 24.42 -2.06
CA LEU A 275 -28.81 25.51 -2.01
C LEU A 275 -28.61 26.06 -3.40
N LEU A 276 -28.80 27.38 -3.56
CA LEU A 276 -28.53 28.06 -4.81
C LEU A 276 -27.08 28.52 -4.98
N ILE A 277 -26.41 28.08 -6.04
CA ILE A 277 -24.99 28.42 -6.29
C ILE A 277 -24.78 29.11 -7.66
N PRO A 278 -24.01 30.23 -7.70
CA PRO A 278 -23.71 30.85 -9.02
C PRO A 278 -23.05 29.89 -10.00
N GLU A 279 -23.30 30.06 -11.29
CA GLU A 279 -22.63 29.31 -12.34
C GLU A 279 -21.28 29.97 -12.68
N HIS A 280 -20.29 29.19 -13.11
CA HIS A 280 -18.95 29.74 -13.43
C HIS A 280 -18.32 28.91 -14.53
N LYS A 281 -17.97 29.56 -15.63
CA LYS A 281 -17.50 28.89 -16.85
C LYS A 281 -18.33 27.61 -17.20
N GLY A 282 -19.65 27.76 -17.31
CA GLY A 282 -20.53 26.68 -17.79
C GLY A 282 -21.36 25.91 -16.75
N HIS A 283 -20.68 25.39 -15.72
CA HIS A 283 -21.36 24.63 -14.67
C HIS A 283 -21.15 25.22 -13.24
N LEU A 284 -21.85 24.64 -12.27
CA LEU A 284 -21.94 25.10 -10.87
C LEU A 284 -20.60 25.39 -10.19
N ASP A 285 -20.41 26.57 -9.63
CA ASP A 285 -19.13 26.94 -9.00
C ASP A 285 -18.74 26.12 -7.73
N LEU A 286 -17.96 25.05 -7.93
CA LEU A 286 -17.51 24.21 -6.85
C LEU A 286 -16.99 24.94 -5.62
N VAL A 287 -16.18 25.98 -5.82
CA VAL A 287 -15.58 26.68 -4.68
C VAL A 287 -16.63 27.38 -3.84
N VAL A 288 -17.62 28.01 -4.47
CA VAL A 288 -18.63 28.70 -3.68
C VAL A 288 -19.57 27.71 -2.97
N LEU A 289 -19.66 26.48 -3.49
CA LEU A 289 -20.40 25.44 -2.80
C LEU A 289 -19.71 25.13 -1.48
N GLN A 292 -20.14 27.81 1.13
CA GLN A 292 -21.52 27.77 1.48
C GLN A 292 -21.77 26.65 2.47
N LEU A 293 -21.32 25.45 2.12
CA LEU A 293 -21.43 24.35 3.05
C LEU A 293 -20.70 24.65 4.36
N GLY A 294 -19.55 25.31 4.28
CA GLY A 294 -18.88 25.84 5.48
C GLY A 294 -19.70 26.83 6.30
N LYS A 295 -20.37 27.78 5.63
CA LYS A 295 -21.33 28.67 6.32
C LYS A 295 -22.45 27.88 6.97
N GLN A 296 -22.74 26.70 6.43
CA GLN A 296 -23.84 25.90 6.96
C GLN A 296 -23.35 24.87 7.98
N GLN A 297 -22.09 25.01 8.38
CA GLN A 297 -21.45 24.23 9.44
C GLN A 297 -21.15 22.78 9.09
N ILE A 298 -20.83 22.49 7.83
CA ILE A 298 -20.44 21.15 7.52
C ILE A 298 -18.97 20.99 7.89
N ASN A 299 -18.64 20.12 8.83
CA ASN A 299 -17.24 19.98 9.23
C ASN A 299 -16.45 19.24 8.18
N SER A 300 -17.10 18.20 7.66
CA SER A 300 -16.45 17.27 6.77
C SER A 300 -17.39 16.62 5.75
N ILE A 301 -16.82 16.47 4.56
CA ILE A 301 -17.55 16.03 3.40
C ILE A 301 -16.82 14.81 2.76
N TRP A 302 -17.47 13.66 2.79
CA TRP A 302 -16.91 12.46 2.21
C TRP A 302 -17.45 12.24 0.73
N VAL A 303 -16.59 12.42 -0.34
CA VAL A 303 -17.03 12.39 -1.74
C VAL A 303 -17.18 10.96 -2.35
N GLU A 304 -18.35 10.63 -2.86
CA GLU A 304 -18.50 9.40 -3.62
C GLU A 304 -18.96 9.80 -4.99
N ALA A 305 -18.01 9.91 -5.91
CA ALA A 305 -18.31 10.44 -7.23
C ALA A 305 -17.65 9.59 -8.27
N GLY A 306 -18.11 9.76 -9.50
CA GLY A 306 -17.37 9.26 -10.66
C GLY A 306 -16.14 10.09 -11.01
N PRO A 307 -15.57 9.79 -12.17
CA PRO A 307 -14.29 10.33 -12.61
C PRO A 307 -14.32 11.83 -12.89
N THR A 308 -15.35 12.27 -13.61
CA THR A 308 -15.50 13.66 -13.98
C THR A 308 -15.39 14.52 -12.70
N LEU A 309 -16.24 14.25 -11.71
CA LEU A 309 -16.32 15.07 -10.49
C LEU A 309 -15.02 15.01 -9.65
N ALA A 310 -14.46 13.81 -9.51
CA ALA A 310 -13.24 13.67 -8.73
C ALA A 310 -12.18 14.46 -9.44
N GLY A 311 -12.33 14.58 -10.76
CA GLY A 311 -11.35 15.27 -11.57
C GLY A 311 -11.36 16.73 -11.22
N ALA A 312 -12.55 17.33 -11.27
CA ALA A 312 -12.73 18.75 -10.99
C ALA A 312 -12.28 19.10 -9.56
N LEU A 313 -12.81 18.39 -8.58
CA LEU A 313 -12.39 18.63 -7.20
C LEU A 313 -10.87 18.69 -7.09
N LEU A 314 -10.17 17.69 -7.61
CA LEU A 314 -8.71 17.72 -7.58
C LEU A 314 -8.13 18.91 -8.34
N GLN A 315 -8.67 19.20 -9.51
CA GLN A 315 -8.09 20.29 -10.28
C GLN A 315 -8.26 21.63 -9.55
N ALA A 316 -9.39 21.78 -8.85
CA ALA A 316 -9.75 23.00 -8.12
C ALA A 316 -8.92 23.09 -6.85
N GLY A 317 -8.25 21.98 -6.54
CA GLY A 317 -7.46 21.85 -5.34
C GLY A 317 -8.29 22.06 -4.12
N LEU A 318 -9.28 21.19 -3.92
CA LEU A 318 -10.18 21.30 -2.79
C LEU A 318 -10.16 20.01 -1.98
N VAL A 319 -9.39 19.02 -2.41
CA VAL A 319 -9.39 17.71 -1.79
C VAL A 319 -8.36 17.73 -0.72
N ASP A 320 -8.72 17.46 0.53
CA ASP A 320 -7.72 17.42 1.61
C ASP A 320 -7.11 16.06 1.77
N GLU A 321 -7.88 15.00 1.63
CA GLU A 321 -7.25 13.68 1.60
C GLU A 321 -7.90 12.75 0.60
N LEU A 322 -7.11 11.82 0.08
CA LEU A 322 -7.57 10.85 -0.89
C LEU A 322 -7.60 9.58 -0.13
N ILE A 323 -8.70 8.86 -0.19
CA ILE A 323 -8.66 7.49 0.32
C ILE A 323 -8.75 6.61 -0.90
N VAL A 324 -7.68 5.89 -1.25
CA VAL A 324 -7.65 5.09 -2.48
C VAL A 324 -7.77 3.59 -2.21
N TYR A 325 -8.80 2.94 -2.71
CA TYR A 325 -8.94 1.48 -2.52
C TYR A 325 -8.51 0.64 -3.76
N ILE A 326 -7.40 -0.06 -3.75
CA ILE A 326 -7.07 -0.92 -4.88
C ILE A 326 -7.57 -2.37 -4.67
N ALA A 327 -8.32 -2.91 -5.62
CA ALA A 327 -8.60 -4.35 -5.64
C ALA A 327 -7.64 -5.09 -6.58
N PRO A 328 -7.31 -6.36 -6.30
CA PRO A 328 -6.31 -6.97 -7.14
C PRO A 328 -6.83 -7.59 -8.43
N LYS A 329 -7.97 -7.16 -8.93
CA LYS A 329 -8.51 -7.77 -10.13
C LYS A 329 -8.16 -6.95 -11.36
N LEU A 330 -7.98 -7.58 -12.53
CA LEU A 330 -7.80 -6.84 -13.79
C LEU A 330 -9.12 -6.75 -14.61
N LEU A 331 -9.33 -5.62 -15.32
CA LEU A 331 -10.53 -5.41 -16.18
C LEU A 331 -10.20 -5.05 -17.66
N GLY A 332 -11.04 -4.29 -18.38
CA GLY A 332 -10.72 -3.88 -19.78
C GLY A 332 -11.84 -3.35 -20.72
N SER A 333 -12.21 -2.07 -20.58
CA SER A 333 -13.03 -1.29 -21.57
C SER A 333 -14.48 -0.94 -21.16
N ASP A 334 -15.23 -1.99 -20.79
CA ASP A 334 -16.53 -1.90 -20.09
C ASP A 334 -16.52 -0.79 -19.04
N ALA A 335 -15.56 -0.87 -18.09
CA ALA A 335 -15.38 0.11 -16.99
C ALA A 335 -14.24 1.14 -17.27
N ARG A 336 -14.59 2.42 -17.33
CA ARG A 336 -13.68 3.46 -17.80
C ARG A 336 -12.58 3.77 -16.76
N GLY A 337 -11.53 4.46 -17.19
CA GLY A 337 -10.39 4.86 -16.36
C GLY A 337 -10.80 5.59 -15.10
N LEU A 338 -9.84 6.06 -14.34
CA LEU A 338 -10.15 6.54 -13.00
C LEU A 338 -10.08 8.05 -12.82
N CYS A 339 -9.37 8.76 -13.72
CA CYS A 339 -9.29 10.24 -13.65
C CYS A 339 -9.28 11.12 -14.98
N THR A 340 -8.17 11.06 -15.76
CA THR A 340 -7.83 11.98 -16.90
C THR A 340 -7.64 13.45 -16.47
N LEU A 341 -6.46 14.07 -16.63
CA LEU A 341 -6.26 15.47 -16.13
C LEU A 341 -5.37 16.48 -16.93
N PRO A 342 -5.97 17.50 -17.60
CA PRO A 342 -5.18 18.57 -18.29
C PRO A 342 -5.01 19.90 -17.51
N GLY A 343 -3.81 20.16 -16.98
CA GLY A 343 -3.57 21.36 -16.18
C GLY A 343 -2.10 21.61 -15.86
N LEU A 344 -1.54 20.74 -15.02
CA LEU A 344 -0.14 20.82 -14.53
C LEU A 344 0.08 22.00 -13.57
N GLN A 352 1.69 18.62 -4.80
CA GLN A 352 0.29 18.43 -4.39
C GLN A 352 0.11 17.37 -3.30
N PHE A 353 0.58 16.13 -3.46
CA PHE A 353 0.19 15.07 -2.46
C PHE A 353 1.32 14.28 -1.79
N LYS A 354 0.97 13.57 -0.73
CA LYS A 354 1.94 12.81 0.05
C LYS A 354 1.23 11.65 0.78
N PHE A 355 1.92 10.51 0.84
CA PHE A 355 1.35 9.29 1.36
C PHE A 355 1.41 9.30 2.83
N LYS A 356 0.34 8.85 3.45
CA LYS A 356 0.27 8.76 4.87
C LYS A 356 0.13 7.29 5.19
N GLU A 357 -1.04 6.83 5.60
CA GLU A 357 -1.16 5.40 5.96
C GLU A 357 -1.43 4.46 4.77
N ILE A 358 -0.85 3.26 4.80
CA ILE A 358 -1.23 2.24 3.85
C ILE A 358 -1.53 0.96 4.57
N ARG A 359 -2.69 0.36 4.32
CA ARG A 359 -3.03 -0.86 5.04
C ARG A 359 -3.64 -1.88 4.15
N HIS A 360 -3.58 -3.14 4.56
CA HIS A 360 -4.45 -4.15 3.95
C HIS A 360 -5.91 -4.03 4.43
N VAL A 361 -6.85 -4.35 3.55
CA VAL A 361 -8.26 -4.40 3.86
C VAL A 361 -8.81 -5.70 3.18
N GLY A 362 -8.63 -6.81 3.91
CA GLY A 362 -8.82 -8.15 3.38
C GLY A 362 -7.92 -8.29 2.19
N PRO A 363 -8.51 -8.60 1.03
CA PRO A 363 -7.71 -8.81 -0.18
C PRO A 363 -7.44 -7.48 -0.97
N ASP A 364 -7.94 -6.35 -0.46
CA ASP A 364 -7.67 -5.04 -1.04
C ASP A 364 -6.64 -4.27 -0.23
N VAL A 365 -6.03 -3.26 -0.83
CA VAL A 365 -5.22 -2.34 -0.04
C VAL A 365 -5.94 -1.03 -0.01
N CYS A 366 -5.70 -0.26 1.03
CA CYS A 366 -6.27 1.06 1.14
C CYS A 366 -5.12 2.01 1.26
N LEU A 367 -5.11 3.08 0.48
CA LEU A 367 -3.96 3.97 0.47
C LEU A 367 -4.42 5.35 0.81
N HIS A 368 -3.94 5.89 1.93
CA HIS A 368 -4.33 7.26 2.34
C HIS A 368 -3.30 8.24 1.88
N LEU A 369 -3.78 9.28 1.20
CA LEU A 369 -2.94 10.41 0.82
C LEU A 369 -3.52 11.67 1.37
N VAL A 370 -2.61 12.59 1.64
CA VAL A 370 -2.94 13.81 2.32
C VAL A 370 -2.43 15.01 1.52
N GLY A 371 -3.30 16.01 1.48
CA GLY A 371 -3.09 17.24 0.69
C GLY A 371 -1.78 17.92 1.02
N ALA A 372 -1.39 17.89 2.30
CA ALA A 372 -0.18 18.58 2.77
C ALA A 372 1.12 18.18 2.02
N THR B 1 13.19 -38.23 22.19
CA THR B 1 13.55 -36.78 22.34
C THR B 1 13.04 -35.92 21.17
N LEU B 2 12.48 -34.75 21.48
CA LEU B 2 12.03 -33.80 20.45
C LEU B 2 12.78 -32.46 20.48
N TYR B 3 13.84 -32.37 21.30
CA TYR B 3 14.75 -31.21 21.22
C TYR B 3 15.70 -31.30 20.02
N ILE B 4 15.76 -32.50 19.42
CA ILE B 4 16.45 -32.77 18.15
C ILE B 4 15.80 -32.04 16.96
N GLN B 5 14.47 -32.15 16.83
CA GLN B 5 13.71 -31.43 15.79
C GLN B 5 13.35 -30.01 16.23
N GLY B 6 14.09 -29.51 17.23
CA GLY B 6 14.02 -28.11 17.71
C GLY B 6 15.39 -27.44 17.67
N GLN B 7 16.43 -28.24 17.96
CA GLN B 7 17.82 -27.87 17.75
C GLN B 7 18.14 -27.78 16.24
N ASP B 8 17.44 -28.57 15.44
CA ASP B 8 17.57 -28.55 13.97
C ASP B 8 17.04 -27.26 13.31
N GLU B 9 15.99 -26.67 13.91
CA GLU B 9 15.32 -25.51 13.35
C GLU B 9 16.26 -24.33 13.39
N TYR B 10 17.26 -24.45 14.25
CA TYR B 10 18.28 -23.43 14.43
C TYR B 10 19.32 -23.54 13.35
N TYR B 11 19.98 -24.70 13.30
CA TYR B 11 21.05 -24.97 12.35
C TYR B 11 20.64 -24.89 10.88
N ALA B 13 18.28 -22.99 9.70
CA ALA B 13 18.13 -21.56 9.47
C ALA B 13 19.47 -20.92 9.07
N ARG B 14 20.56 -21.31 9.75
CA ARG B 14 21.89 -20.81 9.37
C ARG B 14 22.24 -21.24 7.93
N ALA B 15 21.88 -22.50 7.61
CA ALA B 15 22.10 -23.04 6.26
C ALA B 15 21.36 -22.25 5.16
N LEU B 16 20.09 -21.93 5.41
CA LEU B 16 19.29 -21.16 4.45
C LEU B 16 19.87 -19.76 4.28
N LYS B 17 20.15 -19.13 5.41
CA LYS B 17 20.71 -17.79 5.47
C LYS B 17 22.06 -17.69 4.75
N LEU B 18 22.93 -18.68 4.91
CA LEU B 18 24.16 -18.71 4.12
C LEU B 18 23.86 -18.71 2.62
N ALA B 19 23.01 -19.64 2.17
CA ALA B 19 22.63 -19.76 0.77
C ALA B 19 22.32 -18.42 0.08
N GLN B 20 21.57 -17.57 0.78
CA GLN B 20 21.12 -16.30 0.26
C GLN B 20 22.27 -15.42 -0.11
N ARG B 21 23.36 -15.60 0.61
CA ARG B 21 24.52 -14.76 0.41
C ARG B 21 24.95 -14.79 -1.06
N GLY B 22 24.42 -15.75 -1.82
CA GLY B 22 24.81 -15.97 -3.20
C GLY B 22 23.86 -15.58 -4.32
N ARG B 23 22.62 -15.22 -3.97
CA ARG B 23 21.59 -14.83 -4.96
C ARG B 23 22.02 -13.88 -6.08
N PHE B 24 22.89 -12.93 -5.76
CA PHE B 24 23.34 -11.93 -6.73
C PHE B 24 24.24 -12.52 -7.81
N THR B 25 25.00 -13.55 -7.48
CA THR B 25 26.13 -13.94 -8.34
C THR B 25 26.13 -15.36 -8.84
N THR B 26 25.11 -16.10 -8.47
CA THR B 26 25.07 -17.55 -8.59
C THR B 26 24.60 -18.08 -9.98
N HIS B 27 23.63 -17.39 -10.60
CA HIS B 27 23.02 -17.74 -11.92
C HIS B 27 24.01 -18.23 -12.98
N PRO B 28 23.66 -19.30 -13.73
CA PRO B 28 22.39 -20.05 -13.76
C PRO B 28 22.24 -21.17 -12.73
N ASN B 29 23.26 -21.36 -11.88
CA ASN B 29 23.22 -22.31 -10.75
C ASN B 29 22.29 -21.87 -9.62
N PRO B 30 21.72 -22.81 -8.87
CA PRO B 30 20.91 -22.50 -7.67
C PRO B 30 21.68 -22.03 -6.44
N ASN B 31 20.97 -21.39 -5.51
CA ASN B 31 21.50 -21.05 -4.19
C ASN B 31 21.49 -22.25 -3.22
N VAL B 32 22.65 -22.55 -2.62
CA VAL B 32 22.78 -23.73 -1.76
C VAL B 32 23.59 -23.45 -0.48
N GLY B 33 23.08 -23.89 0.66
CA GLY B 33 23.79 -23.67 1.94
C GLY B 33 24.04 -24.93 2.76
N CYS B 34 25.24 -25.04 3.33
CA CYS B 34 25.57 -26.23 4.13
C CYS B 34 26.19 -25.88 5.48
N VAL B 35 25.67 -26.49 6.55
CA VAL B 35 26.23 -26.28 7.89
C VAL B 35 26.55 -27.62 8.58
N ILE B 36 27.82 -27.82 8.96
CA ILE B 36 28.23 -29.07 9.54
C ILE B 36 28.43 -28.92 11.04
N VAL B 37 27.62 -29.65 11.81
CA VAL B 37 27.55 -29.45 13.24
C VAL B 37 28.09 -30.68 13.88
N LYS B 38 28.89 -30.46 14.91
CA LYS B 38 29.51 -31.52 15.65
C LYS B 38 29.50 -31.10 17.10
N ASP B 39 28.90 -31.96 17.96
CA ASP B 39 28.92 -31.75 19.41
C ASP B 39 28.37 -30.41 19.89
N GLY B 40 27.58 -29.74 19.08
CA GLY B 40 27.09 -28.44 19.50
C GLY B 40 27.66 -27.28 18.70
N GLU B 41 28.94 -27.37 18.29
CA GLU B 41 29.57 -26.29 17.49
C GLU B 41 29.57 -26.50 15.97
N ILE B 42 29.26 -25.44 15.23
CA ILE B 42 29.37 -25.51 13.79
C ILE B 42 30.83 -25.60 13.45
N VAL B 43 31.27 -26.79 13.01
CA VAL B 43 32.67 -26.97 12.61
C VAL B 43 32.98 -26.67 11.14
N GLY B 44 31.95 -26.45 10.33
CA GLY B 44 32.14 -26.23 8.91
C GLY B 44 30.92 -25.59 8.30
N GLU B 45 31.13 -24.60 7.43
CA GLU B 45 30.07 -23.83 6.77
C GLU B 45 30.45 -23.51 5.34
N GLY B 46 29.47 -23.34 4.47
CA GLY B 46 29.77 -23.05 3.08
C GLY B 46 28.53 -22.82 2.23
N TYR B 47 28.70 -22.08 1.14
CA TYR B 47 27.57 -21.76 0.28
C TYR B 47 28.03 -21.41 -1.14
N HIS B 48 27.19 -21.69 -2.13
CA HIS B 48 27.54 -21.56 -3.54
C HIS B 48 27.70 -20.09 -4.00
N GLN B 49 28.91 -19.72 -4.39
CA GLN B 49 29.24 -18.33 -4.81
C GLN B 49 29.09 -18.05 -6.33
N ARG B 50 30.15 -18.32 -7.12
CA ARG B 50 30.20 -17.99 -8.56
C ARG B 50 29.52 -19.06 -9.43
N ALA B 51 29.57 -18.87 -10.75
CA ALA B 51 28.89 -19.74 -11.72
C ALA B 51 29.38 -21.18 -11.77
N GLY B 52 30.70 -21.37 -11.67
CA GLY B 52 31.30 -22.71 -11.66
C GLY B 52 32.23 -22.93 -10.48
N GLU B 53 31.93 -22.28 -9.37
CA GLU B 53 32.75 -22.36 -8.14
C GLU B 53 32.36 -23.59 -7.32
N PRO B 54 33.34 -24.18 -6.57
CA PRO B 54 33.14 -25.26 -5.60
C PRO B 54 31.77 -25.28 -4.93
N HIS B 55 31.15 -26.46 -4.92
CA HIS B 55 29.90 -26.67 -4.21
C HIS B 55 29.98 -26.17 -2.77
N ALA B 56 28.82 -25.90 -2.17
CA ALA B 56 28.74 -25.58 -0.76
C ALA B 56 29.46 -26.63 0.08
N GLU B 57 29.14 -27.91 -0.17
CA GLU B 57 29.70 -29.04 0.58
C GLU B 57 31.21 -29.10 0.51
N VAL B 58 31.78 -28.76 -0.64
CA VAL B 58 33.22 -28.82 -0.84
C VAL B 58 33.94 -27.87 0.13
N HIS B 59 33.44 -26.65 0.25
CA HIS B 59 34.01 -25.69 1.20
C HIS B 59 33.70 -26.10 2.63
N ALA B 60 32.44 -26.46 2.89
CA ALA B 60 32.02 -26.93 4.20
C ALA B 60 32.84 -28.11 4.73
N LEU B 61 33.19 -29.06 3.85
CA LEU B 61 33.99 -30.22 4.23
C LEU B 61 35.50 -30.01 4.32
N ARG B 62 36.04 -29.12 3.48
CA ARG B 62 37.44 -28.69 3.59
C ARG B 62 37.62 -27.96 4.92
N ALA B 64 35.79 -28.32 7.63
CA ALA B 64 35.57 -29.17 8.79
C ALA B 64 36.68 -30.19 8.93
N GLY B 65 36.94 -30.95 7.85
CA GLY B 65 37.99 -31.97 7.79
C GLY B 65 37.75 -33.23 8.62
N GLU B 66 38.67 -33.46 9.53
CA GLU B 66 38.63 -34.59 10.46
C GLU B 66 37.36 -34.53 11.31
N LYS B 67 37.03 -33.29 11.76
CA LYS B 67 35.86 -33.10 12.63
C LYS B 67 34.44 -33.24 11.95
N ALA B 68 34.44 -33.59 10.66
CA ALA B 68 33.20 -33.93 9.95
C ALA B 68 32.66 -35.30 10.41
N LYS B 69 33.57 -36.21 10.80
CA LYS B 69 33.22 -37.58 11.15
C LYS B 69 31.99 -37.71 12.01
N GLY B 70 31.94 -36.99 13.13
CA GLY B 70 30.95 -37.25 14.18
C GLY B 70 29.46 -37.07 13.88
N ALA B 71 29.06 -35.85 13.50
CA ALA B 71 27.64 -35.57 13.48
C ALA B 71 27.10 -35.07 12.15
N THR B 72 26.19 -34.11 12.27
CA THR B 72 25.14 -33.84 11.31
C THR B 72 25.53 -32.83 10.24
N ALA B 73 24.97 -32.99 9.05
CA ALA B 73 25.27 -32.11 7.94
C ALA B 73 23.96 -31.54 7.44
N TYR B 74 23.70 -30.26 7.68
CA TYR B 74 22.45 -29.65 7.25
C TYR B 74 22.60 -29.03 5.88
N VAL B 75 21.89 -29.62 4.91
CA VAL B 75 21.82 -29.04 3.55
C VAL B 75 20.50 -28.33 3.22
N THR B 76 20.60 -27.46 2.22
CA THR B 76 19.49 -26.73 1.65
C THR B 76 18.76 -27.55 0.57
N LEU B 77 19.52 -28.42 -0.11
CA LEU B 77 19.11 -29.08 -1.35
C LEU B 77 20.00 -30.33 -1.57
N GLU B 78 19.38 -31.42 -2.00
CA GLU B 78 20.03 -32.74 -2.09
C GLU B 78 21.27 -32.82 -2.99
N PRO B 79 22.41 -33.31 -2.44
CA PRO B 79 23.56 -33.68 -3.30
C PRO B 79 23.33 -35.05 -3.98
N CYS B 90 28.47 -35.12 -4.23
CA CYS B 90 28.19 -36.52 -3.92
C CYS B 90 29.32 -37.50 -4.27
N ASP B 91 30.40 -37.43 -3.48
CA ASP B 91 31.55 -38.35 -3.55
C ASP B 91 32.48 -38.06 -2.36
N ALA B 92 32.42 -36.80 -1.90
CA ALA B 92 33.28 -36.27 -0.84
C ALA B 92 32.61 -36.29 0.56
N LEU B 93 31.24 -36.35 0.51
CA LEU B 93 30.44 -36.40 1.74
C LEU B 93 30.57 -37.71 2.50
N ILE B 94 30.77 -38.79 1.73
CA ILE B 94 30.81 -40.15 2.25
C ILE B 94 32.20 -40.47 2.82
N ALA B 95 33.24 -40.11 2.03
CA ALA B 95 34.64 -40.28 2.46
C ALA B 95 34.95 -39.53 3.77
N ALA B 96 34.42 -38.31 3.89
CA ALA B 96 34.60 -37.47 5.08
C ALA B 96 33.82 -38.08 6.25
N GLY B 97 32.73 -38.82 5.86
CA GLY B 97 32.11 -39.73 6.82
C GLY B 97 31.19 -39.10 7.86
N VAL B 98 30.14 -38.39 7.35
CA VAL B 98 29.21 -37.80 8.34
C VAL B 98 28.21 -38.86 8.74
N ALA B 99 27.65 -38.69 9.97
CA ALA B 99 26.76 -39.71 10.54
C ALA B 99 25.32 -39.23 10.64
N ARG B 100 24.90 -38.46 9.64
CA ARG B 100 23.54 -37.92 9.52
C ARG B 100 23.59 -36.72 8.61
N VAL B 101 22.68 -36.66 7.64
CA VAL B 101 22.44 -35.42 6.89
C VAL B 101 20.97 -35.04 7.07
N VAL B 102 20.66 -33.77 6.84
CA VAL B 102 19.29 -33.29 6.84
C VAL B 102 19.19 -32.36 5.64
N ALA B 103 18.65 -32.87 4.54
CA ALA B 103 18.44 -32.07 3.33
C ALA B 103 17.11 -31.36 3.49
N SER B 104 17.00 -30.15 2.95
CA SER B 104 15.75 -29.42 3.06
C SER B 104 14.72 -29.86 2.02
N GLN B 106 13.82 -32.33 -1.63
CA GLN B 106 14.14 -33.55 -2.39
C GLN B 106 15.06 -33.36 -3.59
N ASP B 107 14.85 -32.29 -4.37
CA ASP B 107 15.52 -32.07 -5.65
C ASP B 107 14.48 -32.06 -6.78
N PRO B 108 14.45 -30.98 -7.57
CA PRO B 108 13.52 -30.76 -8.71
C PRO B 108 13.79 -31.61 -9.98
N ASN B 109 15.06 -31.70 -10.38
CA ASN B 109 15.48 -32.39 -11.62
C ASN B 109 15.22 -33.91 -11.66
N GLN B 111 11.25 -34.83 -12.87
CA GLN B 111 11.89 -35.20 -11.62
C GLN B 111 12.50 -36.61 -11.77
N VAL B 112 13.54 -36.72 -12.60
CA VAL B 112 14.17 -38.01 -12.90
C VAL B 112 15.07 -38.50 -11.76
N ALA B 113 15.73 -37.55 -11.08
CA ALA B 113 16.60 -37.85 -9.93
C ALA B 113 15.92 -37.51 -8.59
N GLY B 114 16.49 -38.05 -7.51
CA GLY B 114 15.94 -37.90 -6.17
C GLY B 114 16.29 -39.11 -5.32
N ARG B 115 17.34 -39.83 -5.75
CA ARG B 115 17.83 -41.02 -5.04
C ARG B 115 19.24 -40.81 -4.47
N GLY B 116 19.67 -39.54 -4.43
CA GLY B 116 20.98 -39.16 -3.90
C GLY B 116 21.00 -39.13 -2.38
N LEU B 117 19.85 -38.78 -1.80
CA LEU B 117 19.65 -38.84 -0.35
C LEU B 117 19.63 -40.29 0.14
N TYR B 118 18.97 -41.18 -0.62
CA TYR B 118 18.93 -42.60 -0.30
C TYR B 118 20.30 -43.26 -0.47
N ARG B 119 20.99 -42.94 -1.57
CA ARG B 119 22.37 -43.37 -1.86
C ARG B 119 23.31 -43.26 -0.65
N LEU B 120 22.94 -42.39 0.31
CA LEU B 120 23.71 -42.19 1.56
C LEU B 120 23.20 -43.07 2.71
N GLN B 121 21.87 -43.17 2.83
CA GLN B 121 21.25 -44.16 3.72
C GLN B 121 21.93 -45.53 3.44
N GLN B 122 22.22 -45.69 2.11
CA GLN B 122 23.02 -46.82 1.62
C GLN B 122 24.31 -46.96 2.45
N ALA B 123 25.13 -45.88 2.45
CA ALA B 123 26.37 -45.85 3.28
C ALA B 123 26.04 -45.58 4.75
N GLY B 124 24.92 -46.26 5.24
CA GLY B 124 24.53 -46.25 6.65
C GLY B 124 24.21 -44.87 7.26
N ILE B 125 24.71 -43.83 6.53
CA ILE B 125 24.48 -42.45 6.98
C ILE B 125 22.98 -42.15 7.11
N ASP B 126 22.56 -41.85 8.34
CA ASP B 126 21.17 -41.50 8.62
C ASP B 126 20.71 -40.28 7.77
N VAL B 127 19.43 -40.28 7.36
CA VAL B 127 18.87 -39.14 6.57
C VAL B 127 17.49 -38.71 7.12
N SER B 128 17.06 -37.47 6.82
CA SER B 128 15.70 -36.99 7.17
C SER B 128 15.29 -35.62 6.59
N HIS B 129 14.92 -35.62 5.30
CA HIS B 129 14.60 -34.41 4.53
C HIS B 129 13.32 -33.63 4.94
N GLY B 130 13.05 -32.55 4.22
CA GLY B 130 11.77 -31.85 4.32
C GLY B 130 11.71 -30.68 5.28
N LEU B 131 12.82 -30.41 5.96
CA LEU B 131 12.84 -29.41 7.02
C LEU B 131 12.82 -27.98 6.49
N SER B 134 9.43 -24.82 3.04
CA SER B 134 8.77 -23.58 2.68
C SER B 134 9.77 -22.56 2.19
N GLU B 135 10.82 -22.29 2.99
CA GLU B 135 11.78 -21.24 2.67
C GLU B 135 12.81 -21.62 1.61
N ALA B 136 13.07 -22.91 1.48
CA ALA B 136 14.00 -23.44 0.44
C ALA B 136 13.47 -23.19 -0.97
N GLU B 137 12.19 -23.48 -1.16
CA GLU B 137 11.46 -23.16 -2.38
C GLU B 137 11.59 -21.67 -2.70
N GLN B 138 11.35 -20.85 -1.69
CA GLN B 138 11.37 -19.39 -1.78
C GLN B 138 12.74 -18.81 -2.13
N LEU B 139 13.77 -19.63 -2.02
CA LEU B 139 15.14 -19.20 -2.16
C LEU B 139 15.64 -19.37 -3.59
N ASN B 140 14.90 -20.14 -4.38
CA ASN B 140 15.28 -20.46 -5.73
C ASN B 140 14.08 -20.52 -6.66
N LYS B 141 13.09 -19.69 -6.34
CA LYS B 141 11.89 -19.52 -7.15
C LYS B 141 12.13 -19.73 -8.65
N GLY B 142 13.10 -18.98 -9.19
CA GLY B 142 13.39 -18.99 -10.61
C GLY B 142 13.85 -20.33 -11.11
N PHE B 143 15.04 -20.74 -10.67
CA PHE B 143 15.60 -22.06 -10.96
C PHE B 143 14.57 -23.19 -10.82
N LEU B 144 13.85 -23.21 -9.71
CA LEU B 144 12.85 -24.24 -9.45
C LEU B 144 11.76 -24.18 -10.46
N LYS B 145 11.22 -22.99 -10.68
CA LYS B 145 10.25 -22.77 -11.73
C LYS B 145 10.74 -23.32 -13.08
N ARG B 146 11.94 -22.88 -13.48
CA ARG B 146 12.53 -23.22 -14.79
C ARG B 146 12.80 -24.71 -14.96
N ARG B 148 10.82 -27.11 -13.36
CA ARG B 148 9.52 -27.80 -13.39
C ARG B 148 8.72 -27.56 -14.68
N THR B 149 8.75 -26.31 -15.15
CA THR B 149 8.19 -25.90 -16.45
C THR B 149 9.40 -25.59 -17.34
N GLY B 150 9.19 -25.29 -18.62
CA GLY B 150 10.35 -24.80 -19.39
C GLY B 150 10.65 -23.31 -19.18
N PHE B 151 9.87 -22.66 -18.33
CA PHE B 151 9.71 -21.23 -18.37
C PHE B 151 10.40 -20.58 -17.19
N PRO B 152 11.21 -19.53 -17.44
CA PRO B 152 11.89 -18.78 -16.42
C PRO B 152 10.91 -17.88 -15.66
N TYR B 153 11.27 -17.48 -14.45
CA TYR B 153 10.40 -16.74 -13.56
C TYR B 153 10.35 -15.25 -13.93
N ILE B 154 9.16 -14.69 -14.15
CA ILE B 154 9.06 -13.29 -14.57
C ILE B 154 8.52 -12.32 -13.49
N GLN B 155 9.29 -11.29 -13.19
CA GLN B 155 8.81 -10.18 -12.36
C GLN B 155 8.58 -8.97 -13.25
N LEU B 156 7.36 -8.47 -13.26
CA LEU B 156 7.04 -7.37 -14.13
C LEU B 156 6.93 -6.11 -13.30
N LYS B 157 7.83 -5.14 -13.53
CA LYS B 157 7.76 -3.87 -12.81
C LYS B 157 6.76 -2.97 -13.48
N LEU B 158 6.02 -2.23 -12.66
CA LEU B 158 5.04 -1.26 -13.12
C LEU B 158 5.20 0.05 -12.32
N GLY B 159 5.57 1.15 -12.97
CA GLY B 159 5.50 2.47 -12.32
C GLY B 159 4.24 3.26 -12.71
N ALA B 160 3.43 3.66 -11.73
CA ALA B 160 2.15 4.31 -12.02
C ALA B 160 1.93 5.58 -11.22
N SER B 161 1.12 6.48 -11.72
CA SER B 161 0.74 7.63 -10.91
C SER B 161 -0.56 7.32 -10.21
N LEU B 162 -1.01 8.20 -9.34
CA LEU B 162 -2.30 8.00 -8.64
C LEU B 162 -3.49 7.62 -9.54
N ASP B 163 -3.33 7.74 -10.85
CA ASP B 163 -4.49 7.63 -11.73
C ASP B 163 -4.27 6.69 -12.89
N GLY B 164 -3.74 5.48 -12.58
CA GLY B 164 -3.19 4.55 -13.59
C GLY B 164 -2.04 5.36 -14.14
N ARG B 165 -1.50 4.99 -15.30
CA ARG B 165 -0.71 5.98 -16.06
C ARG B 165 0.79 6.10 -15.79
N THR B 166 1.55 6.06 -16.88
CA THR B 166 3.01 6.17 -16.87
C THR B 166 3.48 7.11 -18.02
N TRP B 175 12.37 5.53 -13.64
CA TRP B 175 11.32 6.45 -14.10
C TRP B 175 11.17 7.75 -13.26
N ILE B 176 10.13 8.57 -13.55
CA ILE B 176 9.77 9.82 -12.78
C ILE B 176 9.05 9.57 -11.39
N THR B 177 9.39 8.42 -10.82
CA THR B 177 9.19 8.08 -9.44
C THR B 177 10.51 8.39 -8.70
N SER B 178 10.46 8.49 -7.37
CA SER B 178 11.60 8.82 -6.51
C SER B 178 12.97 8.19 -6.82
N PRO B 179 14.04 8.77 -6.23
CA PRO B 179 15.35 8.12 -6.19
C PRO B 179 15.39 6.91 -5.24
N GLN B 180 14.59 6.92 -4.17
CA GLN B 180 14.48 5.76 -3.30
C GLN B 180 13.97 4.57 -4.10
N ALA B 181 13.02 4.85 -4.99
CA ALA B 181 12.49 3.85 -5.87
C ALA B 181 13.53 3.39 -6.86
N ARG B 182 14.32 4.30 -7.40
CA ARG B 182 15.43 3.94 -8.28
C ARG B 182 16.36 2.99 -7.53
N ARG B 183 16.80 3.32 -6.31
CA ARG B 183 17.69 2.43 -5.56
C ARG B 183 17.03 1.11 -5.16
N ASP B 184 15.72 1.09 -4.96
CA ASP B 184 15.04 -0.14 -4.63
C ASP B 184 15.05 -1.12 -5.79
N VAL B 185 14.80 -0.62 -6.99
CA VAL B 185 14.76 -1.44 -8.20
C VAL B 185 16.16 -1.99 -8.49
N GLN B 186 17.18 -1.18 -8.18
CA GLN B 186 18.58 -1.60 -8.35
C GLN B 186 18.85 -2.91 -7.63
N LEU B 187 18.34 -3.05 -6.41
CA LEU B 187 18.60 -4.25 -5.66
C LEU B 187 17.78 -5.41 -6.22
N LEU B 188 16.61 -5.13 -6.75
CA LEU B 188 15.80 -6.18 -7.33
C LEU B 188 16.44 -6.63 -8.62
N ARG B 189 16.85 -5.67 -9.47
CA ARG B 189 17.60 -5.94 -10.71
C ARG B 189 18.80 -6.90 -10.46
N ALA B 190 19.59 -6.57 -9.44
CA ALA B 190 20.81 -7.28 -9.09
C ALA B 190 20.56 -8.78 -8.79
N GLN B 191 19.41 -9.08 -8.19
CA GLN B 191 19.04 -10.45 -7.87
C GLN B 191 18.57 -11.27 -9.06
N SER B 192 18.23 -10.64 -10.19
CA SER B 192 17.71 -11.36 -11.38
C SER B 192 18.79 -11.80 -12.32
N HIS B 193 18.52 -12.87 -13.06
CA HIS B 193 19.42 -13.40 -14.05
C HIS B 193 19.44 -12.40 -15.20
N ALA B 194 18.27 -11.96 -15.65
CA ALA B 194 18.17 -11.15 -16.85
C ALA B 194 17.19 -9.98 -16.73
N ILE B 195 17.46 -8.90 -17.46
CA ILE B 195 16.53 -7.77 -17.57
C ILE B 195 15.85 -7.76 -18.95
N LEU B 196 14.54 -7.55 -18.99
CA LEU B 196 13.86 -7.49 -20.30
C LEU B 196 13.31 -6.09 -20.59
N THR B 197 13.57 -5.56 -21.78
CA THR B 197 12.90 -4.32 -22.18
C THR B 197 12.46 -4.38 -23.64
N SER B 198 11.70 -3.38 -24.08
CA SER B 198 11.34 -3.22 -25.50
C SER B 198 12.25 -2.21 -26.22
N SER B 199 12.37 -2.39 -27.54
CA SER B 199 13.07 -1.42 -28.37
C SER B 199 12.45 -0.04 -28.16
N ALA B 200 11.12 -0.01 -28.10
CA ALA B 200 10.38 1.20 -27.79
C ALA B 200 10.91 1.94 -26.56
N THR B 201 11.29 1.20 -25.52
CA THR B 201 11.91 1.81 -24.32
C THR B 201 13.32 2.25 -24.59
N VAL B 202 14.12 1.41 -25.27
CA VAL B 202 15.49 1.80 -25.57
C VAL B 202 15.52 3.12 -26.33
N LEU B 203 14.74 3.21 -27.41
CA LEU B 203 14.66 4.43 -28.23
C LEU B 203 14.24 5.68 -27.45
N ALA B 204 13.18 5.57 -26.68
CA ALA B 204 12.64 6.69 -25.92
C ALA B 204 13.45 7.12 -24.71
N ASP B 205 14.28 6.23 -24.17
CA ASP B 205 14.98 6.57 -22.92
C ASP B 205 16.49 6.35 -22.92
N ASP B 206 17.05 5.91 -24.06
CA ASP B 206 18.46 5.44 -24.19
C ASP B 206 19.13 4.97 -22.88
N PRO B 207 18.64 3.87 -22.30
CA PRO B 207 19.08 3.47 -20.95
C PRO B 207 20.38 2.67 -20.94
N ALA B 208 20.86 2.36 -19.74
CA ALA B 208 21.92 1.40 -19.54
C ALA B 208 21.38 0.06 -19.02
N LEU B 209 20.30 0.10 -18.24
CA LEU B 209 19.72 -1.08 -17.61
C LEU B 209 20.79 -1.95 -16.97
N THR B 210 21.73 -1.30 -16.29
CA THR B 210 22.75 -2.02 -15.53
C THR B 210 22.51 -1.93 -14.02
N VAL B 211 23.41 -2.53 -13.26
CA VAL B 211 23.36 -2.43 -11.84
C VAL B 211 24.55 -1.61 -11.47
N ARG B 212 24.30 -0.55 -10.72
CA ARG B 212 25.34 0.26 -10.13
C ARG B 212 25.55 -0.22 -8.72
N TRP B 213 26.78 -0.61 -8.42
CA TRP B 213 27.12 -1.10 -7.10
C TRP B 213 26.94 -0.04 -6.01
N SER B 214 27.10 1.22 -6.37
CA SER B 214 27.01 2.27 -5.38
C SER B 214 25.54 2.60 -5.01
N GLU B 215 24.61 1.87 -5.58
CA GLU B 215 23.22 2.14 -5.33
C GLU B 215 22.63 1.14 -4.36
N LEU B 216 23.41 0.12 -4.01
CA LEU B 216 22.97 -0.88 -3.05
C LEU B 216 23.19 -0.37 -1.62
N ASP B 217 22.55 -0.94 -0.63
CA ASP B 217 22.68 -0.41 0.74
C ASP B 217 23.67 -1.18 1.64
N GLU B 218 23.25 -2.32 2.21
CA GLU B 218 24.09 -3.27 3.06
C GLU B 218 24.29 -4.72 2.60
N GLN B 219 23.84 -4.95 1.37
CA GLN B 219 24.36 -5.95 0.51
C GLN B 219 25.74 -5.47 0.14
N THR B 220 25.96 -4.13 0.14
CA THR B 220 27.28 -3.55 -0.18
C THR B 220 28.32 -4.46 0.53
N GLN B 221 27.99 -4.97 1.73
CA GLN B 221 28.99 -5.74 2.55
C GLN B 221 28.94 -7.26 2.61
N ALA B 222 27.74 -7.83 2.83
CA ALA B 222 27.61 -9.20 3.44
C ALA B 222 28.10 -10.26 2.51
N LEU B 223 27.74 -10.08 1.24
CA LEU B 223 28.60 -10.48 0.16
C LEU B 223 28.52 -9.21 -0.63
N TYR B 224 28.14 -9.36 -1.88
CA TYR B 224 28.38 -8.33 -2.87
C TYR B 224 29.56 -7.38 -2.65
N PRO B 225 30.78 -7.92 -2.74
CA PRO B 225 31.96 -7.10 -2.94
C PRO B 225 32.04 -6.57 -4.38
N GLN B 226 32.03 -5.24 -4.50
CA GLN B 226 32.24 -4.44 -5.74
C GLN B 226 32.78 -5.17 -6.97
N GLN B 227 33.92 -5.85 -6.81
CA GLN B 227 34.56 -6.49 -7.96
C GLN B 227 33.91 -7.84 -8.31
N ASN B 228 33.09 -8.35 -7.41
CA ASN B 228 32.28 -9.53 -7.70
C ASN B 228 31.10 -9.22 -8.62
N LEU B 229 30.77 -7.93 -8.71
CA LEU B 229 29.55 -7.41 -9.33
C LEU B 229 29.22 -8.02 -10.68
N ARG B 230 28.08 -8.68 -10.74
CA ARG B 230 27.62 -9.39 -11.92
C ARG B 230 26.44 -8.67 -12.56
N GLN B 231 26.63 -8.26 -13.80
CA GLN B 231 25.63 -7.57 -14.57
C GLN B 231 24.58 -8.53 -15.15
N PRO B 232 23.27 -8.30 -14.89
CA PRO B 232 22.27 -9.20 -15.48
C PRO B 232 22.36 -9.26 -16.99
N ILE B 233 21.77 -10.28 -17.59
CA ILE B 233 21.75 -10.36 -19.05
C ILE B 233 20.67 -9.42 -19.61
N ARG B 234 20.99 -8.68 -20.65
CA ARG B 234 20.03 -7.70 -21.15
C ARG B 234 19.26 -8.22 -22.35
N ILE B 235 17.96 -8.37 -22.21
CA ILE B 235 17.18 -8.85 -23.35
C ILE B 235 16.29 -7.75 -23.90
N VAL B 236 16.41 -7.49 -25.21
CA VAL B 236 15.60 -6.48 -25.91
C VAL B 236 14.73 -7.12 -26.98
N ILE B 237 13.42 -6.95 -26.87
CA ILE B 237 12.47 -7.40 -27.86
C ILE B 237 12.48 -6.36 -28.99
N ASP B 238 13.00 -6.71 -30.18
CA ASP B 238 13.19 -5.70 -31.23
C ASP B 238 12.87 -6.28 -32.63
N SER B 239 11.56 -6.44 -32.91
CA SER B 239 11.07 -7.05 -34.16
C SER B 239 11.74 -6.45 -35.35
N GLN B 240 11.71 -5.14 -35.40
CA GLN B 240 12.04 -4.37 -36.61
C GLN B 240 13.47 -3.84 -36.69
N ASN B 241 14.33 -4.32 -35.78
CA ASN B 241 15.74 -3.93 -35.70
C ASN B 241 15.95 -2.44 -35.59
N ARG B 242 14.97 -1.76 -35.02
CA ARG B 242 15.02 -0.33 -34.80
C ARG B 242 16.20 0.14 -33.95
N VAL B 243 16.60 -0.64 -32.94
CA VAL B 243 17.67 -0.25 -32.03
C VAL B 243 18.98 -0.24 -32.78
N THR B 244 19.77 0.81 -32.62
CA THR B 244 20.98 1.01 -33.42
C THR B 244 22.24 0.58 -32.65
N PRO B 245 23.29 0.16 -33.39
CA PRO B 245 24.49 -0.39 -32.75
C PRO B 245 25.27 0.60 -31.89
N VAL B 246 24.74 1.81 -31.72
CA VAL B 246 25.47 2.86 -30.99
C VAL B 246 24.70 3.38 -29.76
N HIS B 247 23.55 2.77 -29.48
CA HIS B 247 22.82 3.02 -28.26
C HIS B 247 23.62 2.55 -27.04
N ARG B 248 23.39 3.17 -25.89
CA ARG B 248 24.19 2.90 -24.68
C ARG B 248 24.04 1.48 -24.16
N ILE B 249 22.93 0.84 -24.51
CA ILE B 249 22.61 -0.48 -23.95
C ILE B 249 23.57 -1.55 -24.38
N VAL B 250 24.23 -1.36 -25.52
CA VAL B 250 25.11 -2.40 -26.07
C VAL B 250 26.57 -2.11 -25.78
N GLN B 251 26.82 -0.94 -25.20
CA GLN B 251 28.17 -0.50 -24.90
C GLN B 251 28.48 -0.59 -23.42
N GLN B 252 27.53 -1.12 -22.67
CA GLN B 252 27.72 -1.42 -21.25
C GLN B 252 28.52 -2.71 -21.06
N PRO B 253 29.17 -2.84 -19.91
CA PRO B 253 29.77 -4.12 -19.50
C PRO B 253 28.72 -5.25 -19.35
N GLY B 254 28.92 -6.37 -20.06
CA GLY B 254 27.99 -7.50 -20.02
C GLY B 254 27.43 -7.91 -21.38
N GLU B 255 26.50 -8.86 -21.37
CA GLU B 255 25.89 -9.35 -22.60
C GLU B 255 24.56 -8.68 -22.83
N THR B 256 24.24 -8.43 -24.09
CA THR B 256 22.92 -7.92 -24.43
C THR B 256 22.42 -8.69 -25.64
N TRP B 257 21.31 -9.42 -25.44
CA TRP B 257 20.71 -10.31 -26.43
C TRP B 257 19.47 -9.71 -27.05
N PHE B 258 19.46 -9.64 -28.38
CA PHE B 258 18.34 -9.07 -29.12
C PHE B 258 17.36 -10.13 -29.57
N ALA B 259 16.10 -9.99 -29.19
CA ALA B 259 15.11 -10.89 -29.71
C ALA B 259 14.70 -10.27 -31.04
N ARG B 260 15.00 -10.96 -32.15
CA ARG B 260 14.71 -10.47 -33.51
C ARG B 260 13.80 -11.42 -34.27
N THR B 261 12.98 -10.83 -35.14
CA THR B 261 12.11 -11.56 -36.03
C THR B 261 12.92 -11.96 -37.24
N GLN B 262 13.95 -11.16 -37.55
CA GLN B 262 14.89 -11.51 -38.61
C GLN B 262 16.27 -10.89 -38.38
N GLU B 263 17.29 -11.66 -38.76
CA GLU B 263 18.69 -11.26 -38.74
C GLU B 263 18.92 -9.80 -39.16
N ASP B 264 19.78 -9.12 -38.41
CA ASP B 264 20.29 -7.78 -38.73
C ASP B 264 21.59 -7.90 -39.53
N SER B 265 21.89 -6.92 -40.37
CA SER B 265 23.12 -7.01 -41.17
C SER B 265 24.27 -6.10 -40.70
N ARG B 266 24.02 -5.29 -39.66
CA ARG B 266 25.03 -4.37 -39.14
C ARG B 266 26.12 -5.08 -38.33
N GLU B 267 27.21 -4.36 -38.07
CA GLU B 267 28.29 -4.87 -37.23
C GLU B 267 28.03 -4.44 -35.81
N TRP B 268 27.82 -5.40 -34.92
CA TRP B 268 27.56 -5.12 -33.51
C TRP B 268 28.85 -5.32 -32.69
N PRO B 269 28.92 -4.71 -31.49
CA PRO B 269 30.00 -5.07 -30.55
C PRO B 269 29.95 -6.56 -30.27
N GLU B 270 31.08 -7.12 -29.82
CA GLU B 270 31.19 -8.57 -29.64
C GLU B 270 30.26 -9.20 -28.56
N THR B 271 29.87 -8.42 -27.55
CA THR B 271 28.97 -8.93 -26.50
C THR B 271 27.50 -9.09 -26.90
N VAL B 272 27.15 -8.66 -28.12
CA VAL B 272 25.78 -8.71 -28.62
C VAL B 272 25.49 -10.03 -29.34
N ARG B 273 24.57 -10.79 -28.76
CA ARG B 273 24.02 -11.99 -29.39
C ARG B 273 22.66 -11.69 -29.94
N THR B 274 22.14 -12.55 -30.79
CA THR B 274 20.79 -12.36 -31.30
C THR B 274 20.03 -13.67 -31.40
N LEU B 275 18.91 -13.76 -30.69
CA LEU B 275 18.05 -14.95 -30.73
C LEU B 275 16.95 -14.76 -31.76
N LEU B 276 16.76 -15.78 -32.62
CA LEU B 276 15.74 -15.77 -33.67
C LEU B 276 14.42 -16.34 -33.16
N ILE B 277 13.32 -15.58 -33.32
CA ILE B 277 11.96 -15.98 -32.91
C ILE B 277 10.94 -15.70 -34.02
N PRO B 278 9.98 -16.61 -34.25
CA PRO B 278 8.98 -16.43 -35.31
C PRO B 278 7.95 -15.36 -34.99
N GLU B 279 7.38 -14.75 -36.03
CA GLU B 279 6.34 -13.72 -35.91
C GLU B 279 5.03 -14.33 -35.42
N HIS B 280 4.21 -13.54 -34.74
CA HIS B 280 2.86 -13.99 -34.38
C HIS B 280 1.88 -12.82 -34.28
N LYS B 281 0.96 -12.79 -35.25
CA LYS B 281 -0.06 -11.74 -35.36
C LYS B 281 0.56 -10.33 -35.20
N GLY B 282 1.50 -10.03 -36.11
CA GLY B 282 2.16 -8.74 -36.14
C GLY B 282 3.51 -8.70 -35.46
N HIS B 283 3.61 -9.28 -34.27
CA HIS B 283 4.80 -9.14 -33.44
C HIS B 283 5.52 -10.44 -33.15
N LEU B 284 6.60 -10.32 -32.39
CA LEU B 284 7.37 -11.44 -31.88
C LEU B 284 6.47 -12.24 -30.93
N ASP B 285 6.63 -13.56 -30.91
CA ASP B 285 5.80 -14.43 -30.05
C ASP B 285 6.42 -14.62 -28.66
N LEU B 286 5.88 -13.89 -27.69
CA LEU B 286 6.43 -13.86 -26.35
C LEU B 286 6.52 -15.24 -25.68
N VAL B 287 5.50 -16.07 -25.88
CA VAL B 287 5.46 -17.44 -25.31
C VAL B 287 6.61 -18.32 -25.79
N VAL B 288 6.96 -18.22 -27.07
CA VAL B 288 8.08 -18.97 -27.61
C VAL B 288 9.38 -18.40 -27.05
N LEU B 289 9.49 -17.07 -27.05
CA LEU B 289 10.63 -16.39 -26.49
C LEU B 289 10.94 -16.84 -25.06
N GLN B 292 12.18 -20.30 -25.14
CA GLN B 292 13.49 -20.15 -25.77
C GLN B 292 14.54 -19.77 -24.73
N LEU B 293 14.18 -18.84 -23.84
CA LEU B 293 15.11 -18.35 -22.81
C LEU B 293 15.34 -19.40 -21.73
N GLY B 294 14.35 -20.23 -21.48
CA GLY B 294 14.51 -21.36 -20.56
C GLY B 294 15.50 -22.43 -21.05
N LYS B 295 15.45 -22.74 -22.34
CA LYS B 295 16.50 -23.56 -22.98
C LYS B 295 17.85 -22.83 -22.88
N GLN B 296 17.80 -21.50 -22.85
CA GLN B 296 19.00 -20.69 -22.82
C GLN B 296 19.65 -20.66 -21.44
N GLN B 297 18.98 -21.28 -20.47
CA GLN B 297 19.42 -21.36 -19.07
C GLN B 297 19.13 -20.15 -18.18
N ILE B 298 18.19 -19.30 -18.57
CA ILE B 298 17.83 -18.12 -17.78
C ILE B 298 16.84 -18.48 -16.64
N ASN B 299 17.23 -18.28 -15.38
CA ASN B 299 16.31 -18.54 -14.26
C ASN B 299 15.23 -17.53 -14.07
N SER B 300 15.59 -16.24 -14.12
CA SER B 300 14.65 -15.16 -13.76
C SER B 300 14.81 -13.91 -14.64
N ILE B 301 13.68 -13.31 -15.02
CA ILE B 301 13.66 -12.10 -15.86
C ILE B 301 12.92 -10.96 -15.16
N TRP B 302 13.60 -9.83 -15.04
CA TRP B 302 13.05 -8.59 -14.50
C TRP B 302 12.67 -7.73 -15.69
N VAL B 303 11.40 -7.37 -15.75
CA VAL B 303 10.83 -6.72 -16.94
C VAL B 303 10.62 -5.25 -16.68
N GLU B 304 11.32 -4.42 -17.45
CA GLU B 304 11.24 -2.97 -17.41
C GLU B 304 10.72 -2.45 -18.74
N ALA B 305 9.41 -2.24 -18.87
CA ALA B 305 8.90 -1.48 -20.03
C ALA B 305 7.52 -0.83 -19.85
N GLY B 306 7.05 -0.13 -20.88
CA GLY B 306 5.79 0.61 -20.80
C GLY B 306 4.56 -0.27 -20.78
N PRO B 307 3.37 0.35 -20.85
CA PRO B 307 2.09 -0.35 -20.68
C PRO B 307 1.83 -1.47 -21.70
N THR B 308 2.27 -1.29 -22.95
CA THR B 308 1.90 -2.20 -24.06
C THR B 308 2.41 -3.62 -23.89
N LEU B 309 3.73 -3.77 -23.79
CA LEU B 309 4.37 -5.01 -23.42
C LEU B 309 3.82 -5.61 -22.12
N ALA B 310 3.70 -4.77 -21.09
CA ALA B 310 3.10 -5.19 -19.82
C ALA B 310 1.71 -5.80 -20.02
N GLY B 311 0.90 -5.09 -20.80
CA GLY B 311 -0.43 -5.56 -21.14
C GLY B 311 -0.32 -6.92 -21.79
N ALA B 312 0.62 -7.02 -22.72
CA ALA B 312 0.79 -8.23 -23.46
C ALA B 312 1.30 -9.36 -22.53
N LEU B 313 2.17 -9.05 -21.60
CA LEU B 313 2.68 -10.14 -20.82
C LEU B 313 1.60 -10.68 -19.89
N LEU B 314 0.77 -9.77 -19.38
CA LEU B 314 -0.24 -10.14 -18.41
C LEU B 314 -1.28 -10.97 -19.10
N GLN B 315 -1.59 -10.57 -20.33
CA GLN B 315 -2.63 -11.18 -21.13
C GLN B 315 -2.25 -12.55 -21.69
N ALA B 316 -0.95 -12.79 -21.88
CA ALA B 316 -0.43 -14.09 -22.31
C ALA B 316 -0.07 -14.91 -21.10
N GLY B 317 -0.65 -14.53 -19.97
CA GLY B 317 -0.45 -15.21 -18.69
C GLY B 317 0.97 -15.51 -18.25
N LEU B 318 1.94 -14.73 -18.71
CA LEU B 318 3.33 -15.09 -18.52
C LEU B 318 4.00 -14.54 -17.27
N VAL B 319 3.32 -13.65 -16.55
CA VAL B 319 3.90 -12.94 -15.42
C VAL B 319 3.61 -13.68 -14.10
N ASP B 320 4.68 -14.00 -13.35
CA ASP B 320 4.56 -14.67 -12.07
C ASP B 320 4.34 -13.69 -10.95
N GLU B 321 5.02 -12.55 -10.99
CA GLU B 321 4.73 -11.53 -10.00
C GLU B 321 4.78 -10.09 -10.47
N LEU B 322 4.17 -9.22 -9.67
CA LEU B 322 3.96 -7.80 -9.97
C LEU B 322 4.60 -6.92 -8.93
N ILE B 323 5.41 -5.96 -9.39
CA ILE B 323 5.87 -4.90 -8.53
C ILE B 323 5.43 -3.57 -9.06
N VAL B 324 4.42 -3.01 -8.41
CA VAL B 324 3.88 -1.72 -8.74
C VAL B 324 4.45 -0.66 -7.82
N TYR B 325 5.05 0.36 -8.38
CA TYR B 325 5.23 1.59 -7.61
C TYR B 325 4.19 2.68 -7.92
N ILE B 326 3.41 3.12 -6.93
CA ILE B 326 2.58 4.31 -7.11
C ILE B 326 3.34 5.55 -6.67
N ALA B 327 3.19 6.65 -7.40
CA ALA B 327 3.76 7.91 -6.98
C ALA B 327 2.67 8.90 -6.60
N PRO B 328 2.92 9.76 -5.60
CA PRO B 328 1.88 10.68 -5.13
C PRO B 328 1.62 11.85 -6.09
N LYS B 329 1.48 11.54 -7.38
CA LYS B 329 1.39 12.56 -8.41
C LYS B 329 0.33 12.25 -9.42
N LEU B 330 -0.32 13.31 -9.90
CA LEU B 330 -1.27 13.22 -10.99
C LEU B 330 -0.56 13.65 -12.25
N LEU B 331 -0.73 12.90 -13.32
CA LEU B 331 -0.15 13.28 -14.60
C LEU B 331 -1.19 13.89 -15.56
N GLY B 332 -0.76 14.30 -16.75
CA GLY B 332 -1.66 14.86 -17.76
C GLY B 332 -2.69 13.90 -18.38
N SER B 333 -3.57 14.43 -19.22
CA SER B 333 -4.51 13.62 -20.01
C SER B 333 -3.75 12.73 -20.99
N ASP B 334 -2.91 13.37 -21.81
CA ASP B 334 -2.14 12.68 -22.83
C ASP B 334 -1.09 11.71 -22.24
N ALA B 335 -1.16 11.47 -20.93
CA ALA B 335 -0.40 10.40 -20.29
C ALA B 335 -1.09 9.07 -20.65
N ARG B 336 -0.36 7.96 -20.71
CA ARG B 336 -0.93 6.80 -21.44
C ARG B 336 -1.51 5.63 -20.67
N GLY B 337 -0.78 5.04 -19.72
CA GLY B 337 -1.29 3.96 -18.86
C GLY B 337 -2.10 2.75 -19.33
N LEU B 338 -2.02 1.68 -18.57
CA LEU B 338 -2.83 0.48 -18.78
C LEU B 338 -4.34 0.83 -18.90
N CYS B 339 -4.75 1.92 -18.25
CA CYS B 339 -6.14 2.39 -18.15
C CYS B 339 -6.68 2.78 -19.52
N THR B 340 -5.83 3.40 -20.33
CA THR B 340 -6.09 3.63 -21.76
C THR B 340 -5.90 2.26 -22.46
N LEU B 341 -5.40 2.24 -23.69
CA LEU B 341 -5.01 0.98 -24.36
C LEU B 341 -6.17 0.09 -24.81
N PRO B 342 -6.24 -0.16 -26.13
CA PRO B 342 -7.39 -0.84 -26.74
C PRO B 342 -7.43 -2.37 -26.62
N GLY B 343 -6.27 -3.03 -26.70
CA GLY B 343 -6.23 -4.48 -26.99
C GLY B 343 -6.65 -5.48 -25.92
N LEU B 344 -6.70 -5.04 -24.67
CA LEU B 344 -6.65 -5.97 -23.53
C LEU B 344 -8.03 -6.36 -22.94
N GLU B 345 -9.01 -6.63 -23.81
CA GLU B 345 -10.37 -6.98 -23.36
C GLU B 345 -10.47 -8.29 -22.57
N LYS B 346 -9.67 -9.28 -22.94
CA LYS B 346 -9.73 -10.61 -22.32
C LYS B 346 -8.79 -10.77 -21.10
N LEU B 347 -8.43 -9.63 -20.48
CA LEU B 347 -7.57 -9.61 -19.29
C LEU B 347 -8.34 -10.08 -18.05
N ALA B 348 -9.66 -10.00 -18.10
CA ALA B 348 -10.53 -10.56 -17.06
C ALA B 348 -10.37 -12.08 -16.94
N ASP B 349 -9.60 -12.65 -17.88
CA ASP B 349 -9.53 -14.11 -18.08
C ASP B 349 -8.13 -14.72 -17.92
N ALA B 350 -7.09 -13.93 -18.14
CA ALA B 350 -5.71 -14.30 -17.81
C ALA B 350 -5.61 -14.56 -16.31
N PRO B 351 -4.55 -15.28 -15.86
CA PRO B 351 -4.37 -15.59 -14.43
C PRO B 351 -4.36 -14.35 -13.53
N GLN B 352 -5.07 -14.41 -12.40
CA GLN B 352 -5.26 -13.26 -11.51
C GLN B 352 -4.24 -13.22 -10.40
N PHE B 353 -4.12 -12.09 -9.71
CA PHE B 353 -3.06 -11.93 -8.70
C PHE B 353 -3.60 -11.66 -7.33
N LYS B 354 -2.71 -11.61 -6.34
CA LYS B 354 -3.06 -11.41 -4.95
C LYS B 354 -1.98 -10.58 -4.31
N PHE B 355 -2.36 -9.76 -3.34
CA PHE B 355 -1.43 -8.81 -2.69
C PHE B 355 -0.62 -9.52 -1.67
N LYS B 356 0.69 -9.42 -1.79
CA LYS B 356 1.58 -9.92 -0.76
C LYS B 356 1.90 -8.80 0.20
N GLU B 357 3.05 -8.17 0.01
CA GLU B 357 3.50 -7.13 0.90
C GLU B 357 3.32 -5.69 0.31
N ILE B 358 2.90 -4.72 1.16
CA ILE B 358 2.86 -3.31 0.75
C ILE B 358 3.85 -2.58 1.62
N ARG B 359 4.61 -1.64 1.06
CA ARG B 359 5.53 -0.85 1.90
C ARG B 359 5.86 0.50 1.33
N HIS B 360 6.33 1.39 2.20
CA HIS B 360 6.77 2.71 1.82
C HIS B 360 8.17 2.72 1.19
N VAL B 361 8.36 3.50 0.14
CA VAL B 361 9.65 3.68 -0.50
C VAL B 361 9.87 5.15 -0.73
N GLY B 362 10.45 5.78 0.27
CA GLY B 362 10.62 7.20 0.15
C GLY B 362 9.24 7.77 0.09
N PRO B 363 8.99 8.65 -0.89
CA PRO B 363 7.66 9.15 -1.06
C PRO B 363 6.74 8.24 -1.89
N ASP B 364 7.18 7.04 -2.26
CA ASP B 364 6.35 6.17 -3.10
C ASP B 364 5.79 4.98 -2.33
N VAL B 365 4.70 4.37 -2.77
CA VAL B 365 4.47 3.03 -2.24
C VAL B 365 4.81 1.97 -3.24
N CYS B 366 5.22 0.83 -2.73
CA CYS B 366 5.47 -0.32 -3.54
C CYS B 366 4.53 -1.42 -3.15
N LEU B 367 3.81 -1.95 -4.12
CA LEU B 367 2.83 -3.00 -3.88
C LEU B 367 3.23 -4.26 -4.59
N HIS B 368 3.37 -5.35 -3.84
CA HIS B 368 3.77 -6.66 -4.34
C HIS B 368 2.62 -7.58 -4.55
N LEU B 369 2.40 -7.95 -5.80
CA LEU B 369 1.40 -8.96 -6.09
C LEU B 369 2.03 -10.23 -6.60
N VAL B 370 1.39 -11.33 -6.29
CA VAL B 370 1.93 -12.65 -6.59
C VAL B 370 0.84 -13.50 -7.22
N GLY B 371 1.26 -14.49 -7.99
CA GLY B 371 0.37 -15.45 -8.64
C GLY B 371 -0.98 -15.82 -8.05
N ALA B 372 -1.01 -16.66 -7.01
CA ALA B 372 -2.21 -17.58 -6.83
C ALA B 372 -3.61 -16.93 -6.68
#